data_8ZNL
#
_entry.id   8ZNL
#
_cell.length_a   44.872
_cell.length_b   58.956
_cell.length_c   63.299
_cell.angle_alpha   92.520
_cell.angle_beta   90.020
_cell.angle_gamma   94.800
#
_symmetry.space_group_name_H-M   'P 1'
#
loop_
_entity.id
_entity.type
_entity.pdbx_description
1 polymer 'PD-L1 de novo binder'
2 polymer 'Programmed cell death 1 ligand 1'
3 non-polymer 'BROMIDE ION'
4 water water
#
loop_
_entity_poly.entity_id
_entity_poly.type
_entity_poly.pdbx_seq_one_letter_code
_entity_poly.pdbx_strand_id
1 'polypeptide(L)' GPDRERARELARILLKVIKLSDSPEARRQLLRNLEELAEKYKDPEVRRILEEAERYIK A,C,E,G
2 'polypeptide(L)'
;FTVTVPKDLYVVEYGSNMTIECKFPVEKQLDLAALIVYWEMEDKNIIQFVHGEEDLKVQHSSYRQRARLLKDQLSLGNAA
LQITDVKLQDAGVYRCMISYGGADYKRITVKVNK
;
B,D,F,H
#
# COMPACT_ATOMS: atom_id res chain seq x y z
N GLY A 1 16.31 -11.16 25.64
CA GLY A 1 16.93 -9.97 26.19
C GLY A 1 16.16 -8.71 25.82
N PRO A 2 16.76 -7.84 25.02
CA PRO A 2 16.01 -6.67 24.53
C PRO A 2 14.87 -7.03 23.60
N ASP A 3 15.03 -8.06 22.75
CA ASP A 3 13.94 -8.43 21.85
C ASP A 3 12.75 -8.95 22.65
N ARG A 4 13.03 -9.77 23.67
CA ARG A 4 11.99 -10.21 24.59
C ARG A 4 11.35 -9.03 25.31
N GLU A 5 12.15 -8.07 25.76
CA GLU A 5 11.60 -6.90 26.43
C GLU A 5 10.71 -6.11 25.49
N ARG A 6 11.10 -6.02 24.22
CA ARG A 6 10.22 -5.41 23.22
C ARG A 6 8.92 -6.19 23.06
N ALA A 7 9.00 -7.53 23.04
CA ALA A 7 7.78 -8.30 22.89
C ALA A 7 6.85 -8.09 24.07
N ARG A 8 7.40 -8.04 25.28
CA ARG A 8 6.58 -7.77 26.45
C ARG A 8 5.94 -6.39 26.35
N GLU A 9 6.68 -5.40 25.86
CA GLU A 9 6.12 -4.05 25.76
C GLU A 9 5.02 -4.00 24.72
N LEU A 10 5.24 -4.65 23.58
CA LEU A 10 4.19 -4.71 22.57
C LEU A 10 2.94 -5.39 23.11
N ALA A 11 3.13 -6.48 23.87
CA ALA A 11 1.99 -7.21 24.42
C ALA A 11 1.19 -6.32 25.35
N ARG A 12 1.87 -5.56 26.21
CA ARG A 12 1.16 -4.63 27.09
C ARG A 12 0.36 -3.61 26.29
N ILE A 13 0.93 -3.11 25.19
CA ILE A 13 0.18 -2.18 24.33
C ILE A 13 -1.04 -2.87 23.73
N LEU A 14 -0.87 -4.08 23.23
CA LEU A 14 -2.00 -4.78 22.63
C LEU A 14 -3.13 -4.93 23.63
N LEU A 15 -2.79 -5.26 24.88
CA LEU A 15 -3.80 -5.37 25.93
C LEU A 15 -4.49 -4.03 26.17
N LYS A 16 -3.72 -2.94 26.23
CA LYS A 16 -4.35 -1.66 26.50
C LYS A 16 -5.41 -1.32 25.46
N VAL A 17 -5.10 -1.52 24.19
CA VAL A 17 -6.07 -1.16 23.16
C VAL A 17 -7.30 -2.05 23.26
N ILE A 18 -7.08 -3.34 23.53
CA ILE A 18 -8.18 -4.28 23.77
C ILE A 18 -9.13 -3.75 24.85
N LYS A 19 -8.57 -3.32 25.98
CA LYS A 19 -9.39 -2.83 27.08
C LYS A 19 -10.19 -1.59 26.71
N LEU A 20 -9.64 -0.74 25.85
CA LEU A 20 -10.25 0.54 25.51
C LEU A 20 -10.98 0.52 24.18
N SER A 21 -11.12 -0.65 23.57
CA SER A 21 -11.79 -0.79 22.29
C SER A 21 -13.22 -1.27 22.44
N ASP A 22 -14.08 -0.78 21.53
CA ASP A 22 -15.49 -1.13 21.43
C ASP A 22 -15.72 -2.31 20.51
N SER A 23 -14.80 -2.56 19.59
CA SER A 23 -15.07 -3.39 18.43
C SER A 23 -14.69 -4.83 18.71
N PRO A 24 -15.64 -5.79 18.66
CA PRO A 24 -15.23 -7.19 18.80
C PRO A 24 -14.21 -7.62 17.76
N GLU A 25 -14.33 -7.10 16.53
CA GLU A 25 -13.39 -7.46 15.48
C GLU A 25 -11.98 -6.94 15.80
N ALA A 26 -11.90 -5.70 16.29
CA ALA A 26 -10.59 -5.17 16.69
C ALA A 26 -9.98 -5.97 17.82
N ARG A 27 -10.79 -6.28 18.84
CA ARG A 27 -10.31 -7.07 19.96
C ARG A 27 -9.78 -8.42 19.50
N ARG A 28 -10.55 -9.12 18.63
CA ARG A 28 -10.08 -10.40 18.13
C ARG A 28 -8.77 -10.25 17.37
N GLN A 29 -8.65 -9.19 16.57
CA GLN A 29 -7.44 -8.97 15.80
C GLN A 29 -6.24 -8.78 16.72
N LEU A 30 -6.40 -8.00 17.79
CA LEU A 30 -5.30 -7.77 18.71
C LEU A 30 -4.97 -9.03 19.49
N LEU A 31 -6.01 -9.79 19.87
CA LEU A 31 -5.78 -11.05 20.52
C LEU A 31 -4.97 -12.02 19.64
N ARG A 32 -5.29 -12.07 18.34
CA ARG A 32 -4.47 -12.82 17.39
C ARG A 32 -3.03 -12.38 17.45
N ASN A 33 -2.80 -11.07 17.49
CA ASN A 33 -1.44 -10.57 17.56
C ASN A 33 -0.75 -11.09 18.80
N LEU A 34 -1.50 -11.19 19.90
CA LEU A 34 -0.94 -11.66 21.18
C LEU A 34 -0.56 -13.13 21.11
N GLU A 35 -1.43 -13.95 20.52
CA GLU A 35 -1.14 -15.36 20.36
C GLU A 35 0.02 -15.57 19.39
N GLU A 36 0.13 -14.70 18.39
CA GLU A 36 1.30 -14.72 17.51
C GLU A 36 2.58 -14.42 18.30
N LEU A 37 2.51 -13.44 19.22
CA LEU A 37 3.63 -13.12 20.09
C LEU A 37 3.93 -14.25 21.07
N ALA A 38 2.90 -14.86 21.63
CA ALA A 38 3.12 -15.98 22.53
C ALA A 38 3.76 -17.15 21.78
N GLU A 39 3.33 -17.37 20.54
CA GLU A 39 3.87 -18.47 19.75
C GLU A 39 5.35 -18.26 19.45
N LYS A 40 5.76 -17.00 19.25
CA LYS A 40 7.14 -16.75 18.86
C LYS A 40 8.09 -16.75 20.05
N TYR A 41 7.68 -16.12 21.16
CA TYR A 41 8.59 -15.85 22.24
C TYR A 41 8.46 -16.79 23.41
N LYS A 42 7.35 -17.51 23.51
CA LYS A 42 7.14 -18.51 24.57
C LYS A 42 7.56 -17.94 25.94
N ASP A 43 6.95 -16.82 26.26
CA ASP A 43 7.36 -15.99 27.38
C ASP A 43 6.28 -16.00 28.45
N PRO A 44 6.63 -16.17 29.73
CA PRO A 44 5.57 -16.20 30.75
C PRO A 44 4.91 -14.84 30.98
N GLU A 45 5.60 -13.73 30.70
CA GLU A 45 4.97 -12.42 30.85
C GLU A 45 3.98 -12.15 29.71
N VAL A 46 4.37 -12.46 28.47
CA VAL A 46 3.41 -12.37 27.37
C VAL A 46 2.23 -13.28 27.64
N ARG A 47 2.49 -14.49 28.15
CA ARG A 47 1.40 -15.42 28.42
C ARG A 47 0.39 -14.83 29.39
N ARG A 48 0.87 -14.23 30.48
CA ARG A 48 -0.06 -13.66 31.45
C ARG A 48 -0.82 -12.48 30.86
N ILE A 49 -0.18 -11.71 29.98
CA ILE A 49 -0.89 -10.63 29.31
C ILE A 49 -1.97 -11.22 28.40
N LEU A 50 -1.64 -12.29 27.67
CA LEU A 50 -2.62 -12.97 26.82
C LEU A 50 -3.78 -13.53 27.63
N GLU A 51 -3.49 -14.10 28.80
CA GLU A 51 -4.55 -14.63 29.66
C GLU A 51 -5.48 -13.53 30.12
N GLU A 52 -4.94 -12.38 30.55
CA GLU A 52 -5.79 -11.27 30.92
C GLU A 52 -6.59 -10.76 29.71
N ALA A 53 -5.94 -10.64 28.55
CA ALA A 53 -6.65 -10.13 27.37
C ALA A 53 -7.83 -11.02 26.99
N GLU A 54 -7.67 -12.34 27.12
CA GLU A 54 -8.75 -13.27 26.74
C GLU A 54 -10.03 -13.01 27.52
N ARG A 55 -9.91 -12.43 28.72
CA ARG A 55 -11.07 -12.10 29.55
C ARG A 55 -11.90 -10.96 28.98
N TYR A 56 -11.33 -10.18 28.06
CA TYR A 56 -12.01 -9.06 27.43
C TYR A 56 -12.59 -9.40 26.06
N ILE A 57 -12.44 -10.64 25.61
CA ILE A 57 -12.97 -11.05 24.30
C ILE A 57 -14.36 -11.61 24.57
N LYS A 58 -15.34 -10.72 24.60
CA LYS A 58 -16.68 -11.13 25.00
C LYS A 58 -17.53 -11.49 23.79
N PHE B 1 6.00 -8.84 9.35
CA PHE B 1 5.43 -7.51 9.49
C PHE B 1 6.33 -6.65 10.36
N THR B 2 6.77 -5.52 9.82
CA THR B 2 7.70 -4.63 10.50
C THR B 2 7.19 -3.20 10.45
N VAL B 3 7.24 -2.53 11.59
CA VAL B 3 7.07 -1.08 11.69
C VAL B 3 8.45 -0.47 11.79
N THR B 4 8.71 0.56 11.00
CA THR B 4 10.00 1.23 11.04
C THR B 4 9.76 2.72 11.25
N VAL B 5 10.75 3.37 11.88
CA VAL B 5 10.74 4.82 12.04
C VAL B 5 12.01 5.37 11.37
N PRO B 6 11.88 6.36 10.50
CA PRO B 6 13.10 6.97 9.94
C PRO B 6 13.90 7.77 10.96
N LYS B 7 13.25 8.27 12.01
CA LYS B 7 13.90 9.10 13.04
C LYS B 7 13.40 8.64 14.40
N ASP B 8 14.27 8.04 15.21
CA ASP B 8 13.86 7.56 16.53
C ASP B 8 14.28 8.49 17.66
N LEU B 9 14.91 9.61 17.34
CA LEU B 9 15.34 10.59 18.33
C LEU B 9 15.00 11.98 17.82
N TYR B 10 14.16 12.70 18.56
CA TYR B 10 13.79 14.07 18.24
C TYR B 10 14.36 15.00 19.30
N VAL B 11 14.99 16.08 18.86
CA VAL B 11 15.30 17.19 19.76
C VAL B 11 14.49 18.38 19.25
N VAL B 12 13.44 18.74 19.97
CA VAL B 12 12.52 19.77 19.50
C VAL B 12 12.56 20.98 20.43
N GLU B 13 12.24 22.14 19.88
CA GLU B 13 12.15 23.39 20.64
C GLU B 13 10.75 23.57 21.23
N TYR B 14 10.70 24.22 22.38
CA TYR B 14 9.43 24.62 22.97
C TYR B 14 8.65 25.50 22.02
N GLY B 15 7.38 25.18 21.80
CA GLY B 15 6.56 25.96 20.91
C GLY B 15 6.54 25.44 19.48
N SER B 16 7.39 24.49 19.14
CA SER B 16 7.46 23.89 17.82
C SER B 16 6.23 23.04 17.55
N ASN B 17 6.03 22.71 16.28
CA ASN B 17 5.21 21.58 15.88
C ASN B 17 6.16 20.43 15.58
N MET B 18 5.74 19.21 15.86
CA MET B 18 6.59 18.11 15.45
C MET B 18 5.75 17.01 14.80
N THR B 19 6.37 16.38 13.81
CA THR B 19 5.76 15.29 13.07
C THR B 19 6.69 14.10 13.18
N ILE B 20 6.17 13.00 13.72
CA ILE B 20 6.94 11.79 13.92
C ILE B 20 6.39 10.75 12.95
N GLU B 21 7.24 10.27 12.05
CA GLU B 21 6.80 9.33 11.04
C GLU B 21 6.91 7.92 11.57
N CYS B 22 5.94 7.10 11.20
CA CYS B 22 5.87 5.72 11.64
C CYS B 22 5.37 4.90 10.47
N LYS B 23 6.22 4.05 9.91
CA LYS B 23 5.96 3.41 8.64
C LYS B 23 5.70 1.92 8.76
N PHE B 24 4.81 1.41 7.91
CA PHE B 24 4.40 0.01 7.92
C PHE B 24 4.09 -0.40 6.49
N PRO B 25 4.24 -1.68 6.16
CA PRO B 25 4.14 -2.10 4.75
C PRO B 25 2.70 -2.14 4.26
N VAL B 26 2.49 -1.58 3.08
CA VAL B 26 1.20 -1.65 2.39
C VAL B 26 1.48 -2.02 0.95
N GLU B 27 1.40 -3.32 0.62
CA GLU B 27 1.64 -3.79 -0.73
C GLU B 27 0.35 -3.97 -1.53
N LYS B 28 -0.74 -3.37 -1.08
CA LYS B 28 -2.01 -3.38 -1.79
C LYS B 28 -2.66 -2.01 -1.59
N GLN B 29 -3.91 -1.87 -2.02
CA GLN B 29 -4.70 -0.76 -1.52
C GLN B 29 -4.93 -0.96 -0.03
N LEU B 30 -4.93 0.14 0.72
CA LEU B 30 -5.11 0.06 2.17
C LEU B 30 -6.47 -0.53 2.52
N ASP B 31 -6.46 -1.59 3.31
CA ASP B 31 -7.68 -2.24 3.79
C ASP B 31 -7.99 -1.67 5.17
N LEU B 32 -8.89 -0.69 5.23
CA LEU B 32 -9.11 0.03 6.48
C LEU B 32 -9.70 -0.85 7.57
N ALA B 33 -10.49 -1.86 7.20
CA ALA B 33 -11.12 -2.72 8.18
C ALA B 33 -10.13 -3.66 8.85
N ALA B 34 -8.86 -3.61 8.47
CA ALA B 34 -7.86 -4.46 9.09
C ALA B 34 -6.79 -3.67 9.81
N LEU B 35 -6.91 -2.34 9.86
CA LEU B 35 -5.85 -1.49 10.36
C LEU B 35 -6.20 -0.89 11.72
N ILE B 36 -5.25 -0.98 12.64
CA ILE B 36 -5.30 -0.30 13.92
C ILE B 36 -4.01 0.49 14.05
N VAL B 37 -4.12 1.77 14.42
CA VAL B 37 -2.97 2.62 14.65
C VAL B 37 -3.07 3.16 16.06
N TYR B 38 -2.00 3.05 16.84
CA TYR B 38 -2.02 3.45 18.23
C TYR B 38 -0.75 4.24 18.54
N TRP B 39 -0.93 5.41 19.15
CA TRP B 39 0.17 6.24 19.60
C TRP B 39 -0.02 6.57 21.07
N GLU B 40 1.04 6.44 21.86
CA GLU B 40 1.02 6.86 23.26
C GLU B 40 2.36 7.43 23.63
N MET B 41 2.40 8.10 24.78
CA MET B 41 3.65 8.49 25.43
C MET B 41 3.41 8.33 26.91
N GLU B 42 4.37 7.71 27.60
CA GLU B 42 4.16 7.17 28.95
C GLU B 42 2.87 6.36 28.88
N ASP B 43 1.89 6.62 29.75
CA ASP B 43 0.59 5.95 29.65
C ASP B 43 -0.50 6.88 29.12
N LYS B 44 -0.14 7.91 28.36
CA LYS B 44 -1.12 8.84 27.80
C LYS B 44 -1.53 8.37 26.41
N ASN B 45 -2.80 8.06 26.26
CA ASN B 45 -3.35 7.68 24.97
C ASN B 45 -3.37 8.90 24.05
N ILE B 46 -2.61 8.86 22.95
CA ILE B 46 -2.57 9.97 22.02
C ILE B 46 -3.49 9.75 20.83
N ILE B 47 -3.28 8.65 20.12
CA ILE B 47 -4.05 8.29 18.93
C ILE B 47 -4.52 6.86 19.10
N GLN B 48 -5.81 6.62 18.85
CA GLN B 48 -6.36 5.26 18.85
C GLN B 48 -7.29 5.18 17.64
N PHE B 49 -6.75 4.77 16.51
CA PHE B 49 -7.44 4.72 15.24
C PHE B 49 -7.73 3.25 14.95
N VAL B 50 -9.00 2.86 15.02
CA VAL B 50 -9.37 1.45 14.96
C VAL B 50 -10.31 1.25 13.79
N HIS B 51 -9.79 0.63 12.72
CA HIS B 51 -10.58 0.19 11.57
C HIS B 51 -11.30 1.38 10.90
N GLY B 52 -10.61 2.51 10.83
CA GLY B 52 -11.16 3.68 10.18
C GLY B 52 -11.88 4.66 11.07
N GLU B 53 -11.92 4.44 12.37
CA GLU B 53 -12.68 5.33 13.24
C GLU B 53 -11.92 5.59 14.53
N GLU B 54 -12.16 6.77 15.10
CA GLU B 54 -11.51 7.14 16.34
C GLU B 54 -12.56 7.47 17.39
N ASP B 55 -12.15 7.32 18.65
CA ASP B 55 -12.98 7.64 19.79
C ASP B 55 -12.33 8.86 20.44
N LEU B 56 -12.96 10.02 20.30
CA LEU B 56 -12.43 11.23 20.92
C LEU B 56 -12.37 11.10 22.43
N LYS B 57 -13.24 10.27 23.01
CA LYS B 57 -13.27 10.14 24.46
C LYS B 57 -12.05 9.41 25.00
N VAL B 58 -11.30 8.71 24.15
CA VAL B 58 -10.17 7.92 24.64
C VAL B 58 -8.88 8.73 24.72
N GLN B 59 -8.79 9.85 24.00
CA GLN B 59 -7.56 10.61 23.91
C GLN B 59 -7.28 11.34 25.22
N HIS B 60 -6.05 11.24 25.71
CA HIS B 60 -5.67 11.91 26.94
C HIS B 60 -5.88 13.41 26.83
N SER B 61 -6.27 14.03 27.95
CA SER B 61 -6.63 15.44 27.96
C SER B 61 -5.47 16.33 27.52
N SER B 62 -4.24 15.97 27.89
CA SER B 62 -3.15 16.88 27.59
C SER B 62 -2.80 16.90 26.10
N TYR B 63 -3.38 16.01 25.31
CA TYR B 63 -3.19 16.00 23.87
C TYR B 63 -4.44 16.41 23.10
N ARG B 64 -5.53 16.71 23.80
CA ARG B 64 -6.74 17.17 23.12
C ARG B 64 -6.45 18.45 22.36
N GLN B 65 -6.93 18.52 21.11
CA GLN B 65 -6.77 19.66 20.22
C GLN B 65 -5.31 19.97 19.88
N ARG B 66 -4.38 19.06 20.20
CA ARG B 66 -2.97 19.27 19.93
C ARG B 66 -2.31 18.11 19.20
N ALA B 67 -2.96 16.96 19.08
CA ALA B 67 -2.36 15.81 18.42
C ALA B 67 -3.33 15.27 17.40
N ARG B 68 -2.82 14.90 16.22
CA ARG B 68 -3.67 14.33 15.20
C ARG B 68 -2.89 13.35 14.34
N LEU B 69 -3.59 12.34 13.87
CA LEU B 69 -3.03 11.39 12.92
C LEU B 69 -3.22 11.96 11.51
N LEU B 70 -2.13 12.01 10.74
CA LEU B 70 -2.16 12.50 9.36
C LEU B 70 -2.70 11.37 8.50
N LYS B 71 -4.02 11.34 8.35
CA LYS B 71 -4.67 10.17 7.77
C LYS B 71 -4.44 10.05 6.27
N ASP B 72 -4.16 11.16 5.60
CA ASP B 72 -3.81 11.11 4.18
C ASP B 72 -2.60 10.21 3.93
N GLN B 73 -1.71 10.09 4.90
CA GLN B 73 -0.48 9.33 4.74
C GLN B 73 -0.69 7.82 4.87
N LEU B 74 -1.77 7.40 5.53
CA LEU B 74 -1.96 5.98 5.83
C LEU B 74 -1.97 5.12 4.58
N SER B 75 -2.53 5.64 3.48
CA SER B 75 -2.55 4.84 2.25
C SER B 75 -1.14 4.53 1.77
N LEU B 76 -0.17 5.38 2.11
CA LEU B 76 1.23 5.19 1.74
C LEU B 76 2.02 4.40 2.78
N GLY B 77 1.38 3.95 3.85
CA GLY B 77 2.08 3.22 4.89
C GLY B 77 2.80 4.10 5.88
N ASN B 78 2.35 5.33 6.09
CA ASN B 78 2.97 6.24 7.05
C ASN B 78 1.89 6.66 8.03
N ALA B 79 2.05 6.27 9.29
CA ALA B 79 1.09 6.62 10.34
C ALA B 79 1.68 7.75 11.19
N ALA B 80 1.80 8.92 10.56
CA ALA B 80 2.52 10.03 11.14
C ALA B 80 1.68 10.74 12.20
N LEU B 81 2.30 11.01 13.34
CA LEU B 81 1.67 11.77 14.41
C LEU B 81 2.15 13.21 14.33
N GLN B 82 1.22 14.15 14.37
CA GLN B 82 1.56 15.57 14.38
C GLN B 82 1.13 16.18 15.70
N ILE B 83 2.05 16.85 16.38
CA ILE B 83 1.75 17.50 17.66
C ILE B 83 2.07 18.97 17.55
N THR B 84 1.10 19.80 17.91
CA THR B 84 1.21 21.23 17.77
C THR B 84 1.58 21.86 19.11
N ASP B 85 2.46 22.85 19.05
CA ASP B 85 2.88 23.67 20.19
C ASP B 85 3.44 22.79 21.33
N VAL B 86 4.62 22.23 21.05
CA VAL B 86 5.27 21.30 21.98
C VAL B 86 5.71 22.03 23.25
N LYS B 87 5.44 21.42 24.40
CA LYS B 87 5.86 21.96 25.69
C LYS B 87 6.66 20.90 26.46
N LEU B 88 7.19 21.29 27.63
CA LEU B 88 8.13 20.43 28.34
C LEU B 88 7.51 19.08 28.68
N GLN B 89 6.21 19.06 28.95
CA GLN B 89 5.50 17.85 29.31
C GLN B 89 5.42 16.86 28.15
N ASP B 90 5.74 17.27 26.93
CA ASP B 90 5.71 16.38 25.78
C ASP B 90 7.02 15.63 25.59
N ALA B 91 8.04 15.91 26.40
CA ALA B 91 9.28 15.15 26.31
C ALA B 91 9.06 13.75 26.84
N GLY B 92 9.68 12.76 26.20
CA GLY B 92 9.58 11.41 26.69
C GLY B 92 9.61 10.40 25.57
N VAL B 93 9.20 9.18 25.87
CA VAL B 93 9.24 8.09 24.90
C VAL B 93 7.86 7.93 24.29
N TYR B 94 7.77 8.17 22.98
CA TYR B 94 6.55 7.96 22.23
C TYR B 94 6.56 6.56 21.66
N ARG B 95 5.41 5.92 21.61
CA ARG B 95 5.34 4.60 21.00
C ARG B 95 4.28 4.59 19.92
N CYS B 96 4.62 4.01 18.78
CA CYS B 96 3.71 3.85 17.66
C CYS B 96 3.53 2.37 17.44
N MET B 97 2.30 1.88 17.55
CA MET B 97 2.00 0.47 17.33
C MET B 97 1.06 0.39 16.14
N ILE B 98 1.40 -0.47 15.17
CA ILE B 98 0.55 -0.73 14.03
C ILE B 98 0.16 -2.19 14.05
N SER B 99 -1.12 -2.47 13.85
CA SER B 99 -1.59 -3.84 13.63
C SER B 99 -2.27 -3.86 12.27
N TYR B 100 -1.69 -4.61 11.34
CA TYR B 100 -2.15 -4.65 9.96
C TYR B 100 -1.62 -5.92 9.31
N GLY B 101 -2.33 -7.02 9.44
CA GLY B 101 -1.76 -8.30 9.03
C GLY B 101 -0.54 -8.68 9.86
N GLY B 102 -0.61 -8.47 11.17
CA GLY B 102 0.56 -8.64 12.03
C GLY B 102 0.68 -7.42 12.93
N ALA B 103 1.50 -7.46 13.96
CA ALA B 103 1.65 -6.31 14.85
C ALA B 103 3.12 -6.02 15.12
N ASP B 104 3.44 -4.73 15.23
CA ASP B 104 4.78 -4.29 15.60
C ASP B 104 4.67 -2.88 16.16
N TYR B 105 5.76 -2.41 16.74
CA TYR B 105 5.75 -1.08 17.34
C TYR B 105 7.18 -0.56 17.35
N LYS B 106 7.32 0.76 17.48
CA LYS B 106 8.62 1.39 17.60
C LYS B 106 8.57 2.46 18.68
N ARG B 107 9.70 2.67 19.32
CA ARG B 107 9.88 3.75 20.29
C ARG B 107 10.58 4.92 19.63
N ILE B 108 10.14 6.14 19.99
CA ILE B 108 10.75 7.39 19.55
C ILE B 108 10.98 8.26 20.79
N THR B 109 12.22 8.65 21.01
CA THR B 109 12.54 9.46 22.18
C THR B 109 12.53 10.92 21.76
N VAL B 110 11.85 11.75 22.55
CA VAL B 110 11.60 13.14 22.21
C VAL B 110 12.14 13.99 23.35
N LYS B 111 13.16 14.76 23.06
CA LYS B 111 13.66 15.76 23.98
C LYS B 111 13.11 17.12 23.58
N VAL B 112 12.67 17.90 24.56
CA VAL B 112 12.20 19.27 24.36
C VAL B 112 13.15 20.21 25.07
N ASN B 113 13.65 21.20 24.34
CA ASN B 113 14.86 21.90 24.75
C ASN B 113 14.61 22.96 25.81
N LYS B 114 13.80 23.97 25.49
CA LYS B 114 13.75 25.21 26.24
C LYS B 114 13.65 25.07 27.76
N GLY C 1 10.41 -6.01 -19.01
CA GLY C 1 9.56 -6.94 -19.73
C GLY C 1 8.10 -6.55 -19.73
N PRO C 2 7.28 -7.27 -18.94
CA PRO C 2 5.84 -7.03 -18.98
C PRO C 2 5.44 -5.64 -18.49
N ASP C 3 6.07 -5.13 -17.44
CA ASP C 3 5.71 -3.80 -16.94
C ASP C 3 6.00 -2.73 -17.97
N ARG C 4 7.17 -2.83 -18.62
CA ARG C 4 7.51 -1.91 -19.69
C ARG C 4 6.51 -2.02 -20.84
N GLU C 5 6.09 -3.24 -21.17
CA GLU C 5 5.09 -3.38 -22.23
C GLU C 5 3.76 -2.77 -21.83
N ARG C 6 3.35 -2.93 -20.57
CA ARG C 6 2.15 -2.24 -20.10
C ARG C 6 2.28 -0.72 -20.24
N ALA C 7 3.45 -0.17 -19.91
CA ALA C 7 3.63 1.28 -20.02
C ALA C 7 3.54 1.74 -21.47
N ARG C 8 4.07 0.94 -22.40
CA ARG C 8 3.95 1.29 -23.82
C ARG C 8 2.50 1.21 -24.28
N GLU C 9 1.77 0.18 -23.85
CA GLU C 9 0.37 0.08 -24.25
C GLU C 9 -0.45 1.22 -23.69
N LEU C 10 -0.21 1.58 -22.42
CA LEU C 10 -0.89 2.73 -21.85
C LEU C 10 -0.58 3.99 -22.64
N ALA C 11 0.69 4.16 -23.03
CA ALA C 11 1.09 5.37 -23.75
C ALA C 11 0.37 5.46 -25.07
N ARG C 12 0.26 4.33 -25.76
CA ARG C 12 -0.53 4.28 -26.97
C ARG C 12 -1.96 4.72 -26.73
N ILE C 13 -2.60 4.24 -25.65
CA ILE C 13 -3.98 4.63 -25.39
C ILE C 13 -4.07 6.13 -25.15
N LEU C 14 -3.17 6.65 -24.33
CA LEU C 14 -3.15 8.08 -24.03
C LEU C 14 -3.07 8.91 -25.32
N LEU C 15 -2.21 8.51 -26.25
CA LEU C 15 -2.15 9.22 -27.52
C LEU C 15 -3.45 9.08 -28.31
N LYS C 16 -4.09 7.90 -28.26
CA LYS C 16 -5.34 7.73 -29.01
C LYS C 16 -6.42 8.68 -28.52
N VAL C 17 -6.50 8.89 -27.20
CA VAL C 17 -7.52 9.77 -26.63
C VAL C 17 -7.21 11.23 -26.95
N ILE C 18 -5.92 11.60 -26.91
CA ILE C 18 -5.51 12.96 -27.25
C ILE C 18 -5.92 13.29 -28.68
N LYS C 19 -5.64 12.37 -29.61
CA LYS C 19 -5.99 12.61 -31.01
C LYS C 19 -7.49 12.84 -31.20
N LEU C 20 -8.33 12.25 -30.36
CA LEU C 20 -9.76 12.29 -30.57
C LEU C 20 -10.50 13.20 -29.58
N SER C 21 -9.78 13.98 -28.78
CA SER C 21 -10.39 14.95 -27.88
C SER C 21 -10.54 16.31 -28.55
N ASP C 22 -11.64 17.00 -28.22
CA ASP C 22 -11.78 18.44 -28.47
C ASP C 22 -10.94 19.26 -27.51
N SER C 23 -10.73 18.76 -26.31
CA SER C 23 -10.51 19.60 -25.13
C SER C 23 -9.03 19.89 -24.92
N PRO C 24 -8.61 21.16 -24.91
CA PRO C 24 -7.21 21.45 -24.55
C PRO C 24 -6.85 20.97 -23.16
N GLU C 25 -7.76 21.15 -22.20
CA GLU C 25 -7.49 20.72 -20.82
C GLU C 25 -7.31 19.22 -20.74
N ALA C 26 -8.16 18.46 -21.44
CA ALA C 26 -8.02 17.01 -21.48
C ALA C 26 -6.72 16.60 -22.16
N ARG C 27 -6.40 17.23 -23.29
CA ARG C 27 -5.14 16.91 -23.96
C ARG C 27 -3.94 17.17 -23.04
N ARG C 28 -3.94 18.30 -22.32
CA ARG C 28 -2.82 18.59 -21.44
C ARG C 28 -2.74 17.60 -20.29
N GLN C 29 -3.90 17.15 -19.80
CA GLN C 29 -3.90 16.18 -18.71
C GLN C 29 -3.28 14.87 -19.16
N LEU C 30 -3.70 14.38 -20.33
CA LEU C 30 -3.16 13.15 -20.87
C LEU C 30 -1.67 13.28 -21.19
N LEU C 31 -1.27 14.45 -21.68
CA LEU C 31 0.14 14.71 -21.93
C LEU C 31 0.97 14.64 -20.66
N ARG C 32 0.50 15.27 -19.57
CA ARG C 32 1.12 15.11 -18.26
C ARG C 32 1.29 13.64 -17.91
N ASN C 33 0.24 12.84 -18.14
CA ASN C 33 0.32 11.41 -17.89
C ASN C 33 1.44 10.76 -18.70
N LEU C 34 1.57 11.15 -19.98
CA LEU C 34 2.67 10.62 -20.80
C LEU C 34 4.03 11.07 -20.29
N GLU C 35 4.15 12.32 -19.86
CA GLU C 35 5.42 12.75 -19.29
C GLU C 35 5.73 11.98 -18.03
N GLU C 36 4.71 11.59 -17.27
CA GLU C 36 4.95 10.80 -16.05
C GLU C 36 5.40 9.40 -16.42
N LEU C 37 4.80 8.80 -17.44
CA LEU C 37 5.26 7.52 -17.94
C LEU C 37 6.69 7.60 -18.44
N ALA C 38 7.00 8.65 -19.20
CA ALA C 38 8.35 8.79 -19.72
C ALA C 38 9.35 8.97 -18.59
N GLU C 39 8.95 9.72 -17.56
CA GLU C 39 9.81 9.93 -16.39
C GLU C 39 10.10 8.62 -15.68
N LYS C 40 9.10 7.75 -15.57
CA LYS C 40 9.22 6.57 -14.73
C LYS C 40 9.97 5.45 -15.44
N TYR C 41 9.67 5.24 -16.72
CA TYR C 41 10.17 4.08 -17.44
C TYR C 41 11.34 4.38 -18.35
N LYS C 42 11.53 5.64 -18.72
CA LYS C 42 12.69 6.07 -19.50
C LYS C 42 12.83 5.21 -20.76
N ASP C 43 11.75 5.18 -21.52
CA ASP C 43 11.58 4.19 -22.57
C ASP C 43 11.55 4.83 -23.94
N PRO C 44 12.32 4.32 -24.91
CA PRO C 44 12.33 4.94 -26.24
C PRO C 44 10.98 4.92 -26.93
N GLU C 45 10.17 3.87 -26.70
CA GLU C 45 8.88 3.79 -27.37
C GLU C 45 7.90 4.77 -26.75
N VAL C 46 7.84 4.82 -25.41
CA VAL C 46 7.07 5.86 -24.74
C VAL C 46 7.51 7.23 -25.21
N ARG C 47 8.82 7.45 -25.27
CA ARG C 47 9.35 8.75 -25.67
C ARG C 47 8.82 9.16 -27.04
N ARG C 48 8.85 8.22 -27.99
CA ARG C 48 8.39 8.53 -29.35
C ARG C 48 6.90 8.77 -29.40
N ILE C 49 6.13 8.01 -28.63
CA ILE C 49 4.69 8.27 -28.51
C ILE C 49 4.48 9.65 -27.91
N LEU C 50 5.25 9.99 -26.88
CA LEU C 50 5.16 11.32 -26.27
C LEU C 50 5.53 12.41 -27.28
N GLU C 51 6.55 12.18 -28.11
CA GLU C 51 6.90 13.17 -29.12
C GLU C 51 5.75 13.37 -30.10
N GLU C 52 5.05 12.31 -30.46
CA GLU C 52 3.91 12.46 -31.35
C GLU C 52 2.77 13.22 -30.67
N ALA C 53 2.52 12.91 -29.39
CA ALA C 53 1.40 13.56 -28.69
C ALA C 53 1.61 15.06 -28.59
N GLU C 54 2.85 15.50 -28.34
CA GLU C 54 3.14 16.93 -28.20
C GLU C 54 2.72 17.72 -29.44
N ARG C 55 2.67 17.07 -30.61
CA ARG C 55 2.23 17.76 -31.82
C ARG C 55 0.74 18.05 -31.83
N TYR C 56 -0.04 17.43 -30.94
CA TYR C 56 -1.48 17.65 -30.86
C TYR C 56 -1.87 18.62 -29.75
N ILE C 57 -0.88 19.15 -29.04
CA ILE C 57 -1.14 20.12 -27.95
C ILE C 57 -1.00 21.50 -28.59
N LYS C 58 -2.06 21.92 -29.28
CA LYS C 58 -2.02 23.16 -30.01
C LYS C 58 -2.46 24.29 -29.10
N PHE D 1 -1.19 6.01 -8.35
CA PHE D 1 -2.53 5.84 -8.90
C PHE D 1 -2.62 4.49 -9.58
N THR D 2 -3.62 3.69 -9.21
CA THR D 2 -3.75 2.34 -9.75
C THR D 2 -5.20 2.09 -10.12
N VAL D 3 -5.40 1.48 -11.27
CA VAL D 3 -6.69 0.93 -11.65
C VAL D 3 -6.65 -0.56 -11.36
N THR D 4 -7.76 -1.09 -10.83
CA THR D 4 -7.83 -2.51 -10.51
C THR D 4 -9.09 -3.09 -11.12
N VAL D 5 -9.09 -4.40 -11.30
CA VAL D 5 -10.24 -5.12 -11.83
C VAL D 5 -10.59 -6.27 -10.89
N PRO D 6 -11.85 -6.40 -10.49
CA PRO D 6 -12.25 -7.57 -9.70
C PRO D 6 -12.21 -8.87 -10.48
N LYS D 7 -12.37 -8.80 -11.81
CA LYS D 7 -12.30 -9.96 -12.69
C LYS D 7 -11.56 -9.55 -13.94
N ASP D 8 -10.47 -10.25 -14.28
CA ASP D 8 -9.82 -9.99 -15.54
C ASP D 8 -10.25 -10.95 -16.64
N LEU D 9 -11.12 -11.90 -16.32
CA LEU D 9 -11.65 -12.88 -17.27
C LEU D 9 -13.14 -13.01 -17.00
N TYR D 10 -13.95 -12.61 -17.96
CA TYR D 10 -15.39 -12.76 -17.89
C TYR D 10 -15.81 -13.83 -18.87
N VAL D 11 -16.57 -14.81 -18.40
CA VAL D 11 -17.15 -15.83 -19.26
C VAL D 11 -18.63 -15.53 -19.36
N VAL D 12 -19.11 -15.25 -20.57
CA VAL D 12 -20.48 -14.77 -20.76
C VAL D 12 -21.19 -15.60 -21.82
N GLU D 13 -22.52 -15.67 -21.70
CA GLU D 13 -23.34 -16.40 -22.65
C GLU D 13 -23.76 -15.48 -23.79
N TYR D 14 -23.81 -16.05 -24.99
CA TYR D 14 -24.33 -15.33 -26.14
C TYR D 14 -25.73 -14.81 -25.84
N GLY D 15 -25.97 -13.53 -26.16
CA GLY D 15 -27.25 -12.91 -25.92
C GLY D 15 -27.41 -12.31 -24.54
N SER D 16 -26.46 -12.49 -23.64
CA SER D 16 -26.60 -11.90 -22.32
C SER D 16 -26.13 -10.46 -22.35
N ASN D 17 -26.33 -9.76 -21.23
CA ASN D 17 -25.82 -8.41 -21.02
C ASN D 17 -24.69 -8.51 -20.01
N MET D 18 -23.56 -7.89 -20.32
CA MET D 18 -22.41 -8.00 -19.42
C MET D 18 -22.00 -6.64 -18.92
N THR D 19 -21.57 -6.58 -17.66
CA THR D 19 -20.99 -5.40 -17.04
C THR D 19 -19.58 -5.73 -16.60
N ILE D 20 -18.60 -5.05 -17.17
CA ILE D 20 -17.22 -5.25 -16.78
C ILE D 20 -16.77 -4.01 -16.04
N GLU D 21 -16.07 -4.22 -14.94
CA GLU D 21 -15.78 -3.16 -13.99
C GLU D 21 -14.30 -2.88 -13.92
N CYS D 22 -13.95 -1.58 -13.85
CA CYS D 22 -12.61 -1.13 -13.55
C CYS D 22 -12.69 -0.13 -12.41
N LYS D 23 -11.95 -0.38 -11.35
CA LYS D 23 -11.99 0.43 -10.14
C LYS D 23 -10.82 1.40 -10.11
N PHE D 24 -11.08 2.59 -9.57
CA PHE D 24 -10.04 3.60 -9.41
C PHE D 24 -10.27 4.35 -8.11
N PRO D 25 -9.22 4.91 -7.51
CA PRO D 25 -9.38 5.51 -6.18
C PRO D 25 -10.11 6.84 -6.23
N VAL D 26 -11.16 6.97 -5.41
CA VAL D 26 -11.85 8.23 -5.20
C VAL D 26 -11.81 8.50 -3.71
N GLU D 27 -10.93 9.41 -3.29
CA GLU D 27 -10.69 9.71 -1.88
C GLU D 27 -11.41 10.96 -1.41
N LYS D 28 -12.02 11.72 -2.31
CA LYS D 28 -12.82 12.88 -1.96
C LYS D 28 -14.15 12.76 -2.70
N GLN D 29 -14.87 13.87 -2.81
CA GLN D 29 -15.95 13.94 -3.77
C GLN D 29 -15.35 13.89 -5.18
N LEU D 30 -15.99 13.15 -6.08
CA LEU D 30 -15.46 12.99 -7.42
C LEU D 30 -15.36 14.34 -8.12
N ASP D 31 -14.18 14.63 -8.66
CA ASP D 31 -13.94 15.86 -9.42
C ASP D 31 -14.06 15.53 -10.90
N LEU D 32 -15.24 15.82 -11.48
CA LEU D 32 -15.49 15.46 -12.88
C LEU D 32 -14.57 16.21 -13.82
N ALA D 33 -14.20 17.46 -13.47
CA ALA D 33 -13.34 18.24 -14.35
C ALA D 33 -11.98 17.60 -14.54
N ALA D 34 -11.63 16.59 -13.74
CA ALA D 34 -10.30 16.00 -13.79
C ALA D 34 -10.32 14.55 -14.23
N LEU D 35 -11.47 14.02 -14.65
CA LEU D 35 -11.63 12.60 -14.88
C LEU D 35 -11.79 12.29 -16.36
N ILE D 36 -10.99 11.34 -16.86
CA ILE D 36 -11.17 10.79 -18.20
C ILE D 36 -11.31 9.29 -18.05
N VAL D 37 -12.34 8.72 -18.69
CA VAL D 37 -12.57 7.28 -18.70
C VAL D 37 -12.62 6.84 -20.15
N TYR D 38 -11.88 5.78 -20.48
CA TYR D 38 -11.76 5.32 -21.84
C TYR D 38 -11.87 3.81 -21.85
N TRP D 39 -12.74 3.29 -22.70
CA TRP D 39 -12.89 1.86 -22.91
C TRP D 39 -12.69 1.55 -24.38
N GLU D 40 -11.91 0.50 -24.67
CA GLU D 40 -11.74 0.05 -26.04
C GLU D 40 -11.69 -1.46 -26.05
N MET D 41 -11.94 -2.03 -27.23
CA MET D 41 -11.57 -3.42 -27.48
C MET D 41 -11.03 -3.46 -28.90
N GLU D 42 -9.91 -4.17 -29.08
CA GLU D 42 -9.16 -4.12 -30.33
C GLU D 42 -8.87 -2.64 -30.58
N ASP D 43 -9.16 -2.11 -31.76
CA ASP D 43 -9.02 -0.68 -32.04
C ASP D 43 -10.36 0.04 -32.03
N LYS D 44 -11.36 -0.50 -31.35
CA LYS D 44 -12.72 0.03 -31.39
C LYS D 44 -12.96 0.88 -30.16
N ASN D 45 -13.24 2.16 -30.37
CA ASN D 45 -13.58 3.06 -29.29
C ASN D 45 -14.94 2.69 -28.73
N ILE D 46 -15.00 2.35 -27.44
CA ILE D 46 -16.29 1.98 -26.85
C ILE D 46 -16.82 3.14 -26.02
N ILE D 47 -16.03 3.59 -25.06
CA ILE D 47 -16.38 4.70 -24.19
C ILE D 47 -15.25 5.72 -24.23
N GLN D 48 -15.60 6.99 -24.41
CA GLN D 48 -14.63 8.07 -24.27
C GLN D 48 -15.33 9.17 -23.48
N PHE D 49 -15.19 9.10 -22.16
CA PHE D 49 -15.87 10.00 -21.24
C PHE D 49 -14.83 11.01 -20.76
N VAL D 50 -14.97 12.25 -21.21
CA VAL D 50 -13.92 13.25 -21.01
C VAL D 50 -14.48 14.41 -20.18
N HIS D 51 -14.09 14.47 -18.91
CA HIS D 51 -14.42 15.58 -18.03
C HIS D 51 -15.94 15.78 -17.93
N GLY D 52 -16.66 14.67 -17.83
CA GLY D 52 -18.09 14.71 -17.70
C GLY D 52 -18.85 14.62 -19.00
N GLU D 53 -18.19 14.80 -20.14
CA GLU D 53 -18.89 14.89 -21.41
C GLU D 53 -18.48 13.73 -22.31
N GLU D 54 -19.36 13.37 -23.22
CA GLU D 54 -19.12 12.29 -24.16
C GLU D 54 -19.48 12.75 -25.56
N ASP D 55 -18.64 12.36 -26.52
CA ASP D 55 -18.86 12.64 -27.93
C ASP D 55 -19.39 11.36 -28.55
N LEU D 56 -20.68 11.35 -28.90
CA LEU D 56 -21.27 10.16 -29.48
C LEU D 56 -20.61 9.77 -30.80
N LYS D 57 -20.07 10.76 -31.52
CA LYS D 57 -19.51 10.52 -32.83
C LYS D 57 -18.21 9.74 -32.81
N VAL D 58 -17.58 9.61 -31.64
CA VAL D 58 -16.31 8.87 -31.51
C VAL D 58 -16.52 7.38 -31.26
N GLN D 59 -17.72 6.97 -30.87
CA GLN D 59 -17.96 5.58 -30.52
C GLN D 59 -18.07 4.71 -31.76
N HIS D 60 -17.36 3.59 -31.74
CA HIS D 60 -17.37 2.68 -32.87
C HIS D 60 -18.79 2.19 -33.13
N SER D 61 -19.09 1.95 -34.42
CA SER D 61 -20.46 1.65 -34.83
C SER D 61 -20.96 0.34 -34.25
N SER D 62 -20.09 -0.66 -34.14
CA SER D 62 -20.53 -1.96 -33.62
C SER D 62 -20.96 -1.88 -32.16
N TYR D 63 -20.66 -0.79 -31.46
CA TYR D 63 -21.08 -0.63 -30.08
C TYR D 63 -22.12 0.47 -29.89
N ARG D 64 -22.51 1.16 -30.96
CA ARG D 64 -23.56 2.15 -30.83
C ARG D 64 -24.85 1.46 -30.40
N GLN D 65 -25.57 2.11 -29.48
CA GLN D 65 -26.84 1.64 -28.92
C GLN D 65 -26.71 0.34 -28.14
N ARG D 66 -25.49 -0.13 -27.88
CA ARG D 66 -25.25 -1.34 -27.12
C ARG D 66 -24.33 -1.17 -25.93
N ALA D 67 -23.67 -0.02 -25.80
CA ALA D 67 -22.59 0.10 -24.81
C ALA D 67 -22.74 1.42 -24.08
N ARG D 68 -22.69 1.37 -22.76
CA ARG D 68 -22.86 2.58 -21.96
C ARG D 68 -22.00 2.49 -20.72
N LEU D 69 -21.52 3.65 -20.29
CA LEU D 69 -20.80 3.78 -19.04
C LEU D 69 -21.80 4.06 -17.94
N LEU D 70 -21.73 3.29 -16.85
CA LEU D 70 -22.66 3.43 -15.73
C LEU D 70 -22.17 4.56 -14.84
N LYS D 71 -22.64 5.77 -15.15
CA LYS D 71 -22.04 6.97 -14.57
C LYS D 71 -22.28 7.09 -13.07
N ASP D 72 -23.42 6.61 -12.58
CA ASP D 72 -23.70 6.67 -11.15
C ASP D 72 -22.61 5.96 -10.35
N GLN D 73 -22.02 4.91 -10.91
CA GLN D 73 -20.94 4.18 -10.26
C GLN D 73 -19.66 5.00 -10.15
N LEU D 74 -19.48 6.01 -11.00
CA LEU D 74 -18.20 6.71 -11.07
C LEU D 74 -17.86 7.39 -9.74
N SER D 75 -18.88 7.87 -9.03
CA SER D 75 -18.68 8.51 -7.74
C SER D 75 -18.09 7.55 -6.71
N LEU D 76 -18.29 6.24 -6.89
CA LEU D 76 -17.75 5.23 -6.00
C LEU D 76 -16.46 4.61 -6.51
N GLY D 77 -15.81 5.22 -7.50
CA GLY D 77 -14.55 4.68 -8.00
C GLY D 77 -14.70 3.46 -8.86
N ASN D 78 -15.80 3.38 -9.61
CA ASN D 78 -16.09 2.21 -10.42
C ASN D 78 -16.46 2.71 -11.81
N ALA D 79 -15.64 2.37 -12.80
CA ALA D 79 -15.93 2.69 -14.19
C ALA D 79 -16.47 1.42 -14.83
N ALA D 80 -17.77 1.19 -14.66
CA ALA D 80 -18.39 -0.03 -15.16
C ALA D 80 -18.95 0.18 -16.55
N LEU D 81 -18.57 -0.70 -17.47
CA LEU D 81 -19.04 -0.69 -18.85
C LEU D 81 -20.05 -1.81 -19.02
N GLN D 82 -21.24 -1.46 -19.51
CA GLN D 82 -22.31 -2.43 -19.76
C GLN D 82 -22.53 -2.55 -21.27
N ILE D 83 -22.44 -3.77 -21.78
CA ILE D 83 -22.71 -4.05 -23.19
C ILE D 83 -23.92 -4.98 -23.25
N THR D 84 -24.91 -4.60 -24.05
CA THR D 84 -26.12 -5.41 -24.20
C THR D 84 -26.03 -6.32 -25.42
N ASP D 85 -26.76 -7.44 -25.33
CA ASP D 85 -26.91 -8.43 -26.40
C ASP D 85 -25.54 -8.84 -26.95
N VAL D 86 -24.81 -9.54 -26.08
CA VAL D 86 -23.46 -9.97 -26.41
C VAL D 86 -23.49 -11.00 -27.52
N LYS D 87 -22.54 -10.89 -28.45
CA LYS D 87 -22.44 -11.77 -29.60
C LYS D 87 -21.00 -12.28 -29.71
N LEU D 88 -20.76 -13.15 -30.68
CA LEU D 88 -19.44 -13.75 -30.82
C LEU D 88 -18.36 -12.71 -31.05
N GLN D 89 -18.68 -11.64 -31.77
CA GLN D 89 -17.70 -10.62 -32.12
C GLN D 89 -17.30 -9.76 -30.93
N ASP D 90 -18.01 -9.88 -29.80
CA ASP D 90 -17.68 -9.14 -28.59
C ASP D 90 -16.60 -9.81 -27.75
N ALA D 91 -16.18 -11.01 -28.11
CA ALA D 91 -15.11 -11.65 -27.38
C ALA D 91 -13.78 -11.03 -27.77
N GLY D 92 -12.85 -11.04 -26.83
CA GLY D 92 -11.56 -10.45 -27.07
C GLY D 92 -11.08 -9.69 -25.84
N VAL D 93 -10.11 -8.82 -26.05
CA VAL D 93 -9.43 -8.15 -24.94
C VAL D 93 -9.93 -6.72 -24.85
N TYR D 94 -10.55 -6.38 -23.74
CA TYR D 94 -11.03 -5.04 -23.47
C TYR D 94 -10.01 -4.31 -22.62
N ARG D 95 -9.88 -3.02 -22.84
CA ARG D 95 -8.96 -2.19 -22.09
C ARG D 95 -9.74 -1.03 -21.52
N CYS D 96 -9.55 -0.76 -20.23
CA CYS D 96 -10.15 0.38 -19.58
C CYS D 96 -9.03 1.28 -19.10
N MET D 97 -9.08 2.55 -19.47
CA MET D 97 -8.07 3.50 -19.03
C MET D 97 -8.76 4.59 -18.24
N ILE D 98 -8.23 4.87 -17.06
CA ILE D 98 -8.72 5.97 -16.25
C ILE D 98 -7.57 6.93 -16.03
N SER D 99 -7.83 8.22 -16.21
CA SER D 99 -6.86 9.26 -15.87
C SER D 99 -7.56 10.17 -14.88
N TYR D 100 -7.07 10.17 -13.64
CA TYR D 100 -7.69 10.90 -12.54
C TYR D 100 -6.62 11.18 -11.49
N GLY D 101 -5.86 12.24 -11.70
CA GLY D 101 -4.71 12.48 -10.84
C GLY D 101 -3.67 11.38 -11.00
N GLY D 102 -3.41 10.99 -12.24
CA GLY D 102 -2.59 9.82 -12.55
C GLY D 102 -3.30 9.03 -13.62
N ALA D 103 -2.59 8.17 -14.35
CA ALA D 103 -3.22 7.35 -15.37
C ALA D 103 -2.82 5.90 -15.16
N ASP D 104 -3.75 5.00 -15.44
CA ASP D 104 -3.47 3.57 -15.41
C ASP D 104 -4.50 2.90 -16.31
N TYR D 105 -4.31 1.61 -16.53
CA TYR D 105 -5.28 0.86 -17.31
C TYR D 105 -5.18 -0.60 -16.92
N LYS D 106 -6.20 -1.38 -17.29
CA LYS D 106 -6.20 -2.82 -17.10
C LYS D 106 -6.74 -3.49 -18.35
N ARG D 107 -6.33 -4.74 -18.55
CA ARG D 107 -6.82 -5.57 -19.64
C ARG D 107 -7.80 -6.60 -19.09
N ILE D 108 -8.90 -6.80 -19.80
CA ILE D 108 -9.95 -7.73 -19.37
C ILE D 108 -10.30 -8.61 -20.56
N THR D 109 -10.19 -9.92 -20.37
CA THR D 109 -10.51 -10.89 -21.40
C THR D 109 -11.98 -11.29 -21.27
N VAL D 110 -12.71 -11.22 -22.39
CA VAL D 110 -14.10 -11.63 -22.45
C VAL D 110 -14.20 -12.86 -23.33
N LYS D 111 -14.79 -13.92 -22.80
CA LYS D 111 -15.01 -15.17 -23.51
C LYS D 111 -16.51 -15.35 -23.63
N VAL D 112 -16.98 -15.55 -24.87
CA VAL D 112 -18.41 -15.64 -25.16
C VAL D 112 -18.71 -17.09 -25.55
N ASN D 113 -19.54 -17.78 -24.77
CA ASN D 113 -20.07 -19.09 -25.11
C ASN D 113 -21.48 -18.96 -25.66
N LYS D 114 -21.98 -20.04 -26.25
CA LYS D 114 -23.25 -19.96 -26.97
C LYS D 114 -24.42 -20.71 -26.36
N GLY E 1 -13.58 -15.80 -8.60
CA GLY E 1 -13.25 -16.93 -9.45
C GLY E 1 -12.28 -17.91 -8.81
N PRO E 2 -11.06 -17.99 -9.35
CA PRO E 2 -10.12 -19.01 -8.83
C PRO E 2 -9.57 -18.71 -7.44
N ASP E 3 -9.20 -17.45 -7.16
CA ASP E 3 -8.77 -17.08 -5.81
C ASP E 3 -9.86 -17.34 -4.80
N ARG E 4 -11.10 -16.98 -5.15
CA ARG E 4 -12.23 -17.16 -4.25
C ARG E 4 -12.47 -18.64 -3.98
N GLU E 5 -12.44 -19.46 -5.03
CA GLU E 5 -12.62 -20.90 -4.84
C GLU E 5 -11.51 -21.47 -3.97
N ARG E 6 -10.27 -21.01 -4.18
CA ARG E 6 -9.17 -21.47 -3.33
C ARG E 6 -9.35 -21.03 -1.89
N ALA E 7 -9.81 -19.79 -1.69
CA ALA E 7 -10.04 -19.30 -0.34
C ALA E 7 -11.09 -20.16 0.37
N ARG E 8 -12.17 -20.50 -0.33
CA ARG E 8 -13.20 -21.35 0.25
C ARG E 8 -12.69 -22.76 0.49
N GLU E 9 -11.89 -23.30 -0.44
CA GLU E 9 -11.31 -24.61 -0.23
C GLU E 9 -10.41 -24.62 1.00
N LEU E 10 -9.58 -23.58 1.16
CA LEU E 10 -8.73 -23.50 2.35
C LEU E 10 -9.56 -23.37 3.62
N ALA E 11 -10.60 -22.54 3.57
CA ALA E 11 -11.47 -22.44 4.74
C ALA E 11 -12.05 -23.79 5.14
N ARG E 12 -12.58 -24.55 4.17
CA ARG E 12 -13.16 -25.86 4.50
C ARG E 12 -12.13 -26.81 5.08
N ILE E 13 -10.90 -26.77 4.57
CA ILE E 13 -9.87 -27.66 5.08
C ILE E 13 -9.56 -27.32 6.53
N LEU E 14 -9.41 -26.02 6.83
CA LEU E 14 -9.14 -25.63 8.21
C LEU E 14 -10.24 -26.10 9.14
N LEU E 15 -11.50 -25.89 8.77
CA LEU E 15 -12.62 -26.36 9.58
C LEU E 15 -12.59 -27.88 9.76
N LYS E 16 -12.27 -28.60 8.69
CA LYS E 16 -12.21 -30.06 8.78
C LYS E 16 -11.15 -30.51 9.77
N VAL E 17 -9.94 -29.95 9.67
CA VAL E 17 -8.87 -30.36 10.59
C VAL E 17 -9.19 -29.94 12.02
N ILE E 18 -9.86 -28.78 12.20
CA ILE E 18 -10.32 -28.40 13.54
C ILE E 18 -11.21 -29.49 14.14
N LYS E 19 -12.15 -30.00 13.34
CA LYS E 19 -13.06 -31.01 13.86
C LYS E 19 -12.40 -32.38 13.97
N LEU E 20 -11.21 -32.56 13.39
CA LEU E 20 -10.48 -33.82 13.51
C LEU E 20 -9.46 -33.83 14.65
N SER E 21 -9.09 -32.68 15.20
CA SER E 21 -7.94 -32.62 16.10
C SER E 21 -8.38 -32.63 17.56
N ASP E 22 -7.86 -33.58 18.32
CA ASP E 22 -8.13 -33.62 19.75
C ASP E 22 -7.28 -32.64 20.56
N SER E 23 -6.47 -31.82 19.90
CA SER E 23 -5.63 -30.84 20.59
C SER E 23 -6.31 -29.48 20.61
N PRO E 24 -6.61 -28.92 21.79
CA PRO E 24 -7.20 -27.57 21.80
C PRO E 24 -6.29 -26.50 21.22
N GLU E 25 -4.98 -26.60 21.47
CA GLU E 25 -4.05 -25.63 20.91
C GLU E 25 -4.06 -25.66 19.38
N ALA E 26 -4.14 -26.87 18.79
CA ALA E 26 -4.18 -26.97 17.33
C ALA E 26 -5.47 -26.37 16.78
N ARG E 27 -6.60 -26.68 17.43
CA ARG E 27 -7.86 -26.13 16.98
C ARG E 27 -7.86 -24.60 16.99
N ARG E 28 -7.28 -23.99 18.03
CA ARG E 28 -7.25 -22.53 18.11
C ARG E 28 -6.25 -21.95 17.11
N GLN E 29 -5.14 -22.65 16.87
CA GLN E 29 -4.19 -22.24 15.83
C GLN E 29 -4.86 -22.18 14.46
N LEU E 30 -5.62 -23.23 14.11
CA LEU E 30 -6.33 -23.23 12.83
C LEU E 30 -7.43 -22.17 12.81
N LEU E 31 -8.08 -21.96 13.96
CA LEU E 31 -9.10 -20.91 13.99
C LEU E 31 -8.48 -19.55 13.70
N ARG E 32 -7.33 -19.26 14.31
CA ARG E 32 -6.58 -18.05 13.94
C ARG E 32 -6.30 -17.99 12.45
N ASN E 33 -5.85 -19.11 11.87
CA ASN E 33 -5.64 -19.17 10.43
C ASN E 33 -6.89 -18.79 9.65
N LEU E 34 -8.05 -19.30 10.09
CA LEU E 34 -9.32 -18.97 9.43
C LEU E 34 -9.68 -17.50 9.62
N GLU E 35 -9.39 -16.93 10.79
CA GLU E 35 -9.57 -15.50 10.99
C GLU E 35 -8.69 -14.70 10.03
N GLU E 36 -7.43 -15.08 9.91
CA GLU E 36 -6.50 -14.41 8.99
C GLU E 36 -7.00 -14.53 7.55
N LEU E 37 -7.42 -15.74 7.16
CA LEU E 37 -7.98 -15.95 5.83
C LEU E 37 -9.20 -15.05 5.60
N ALA E 38 -10.09 -14.97 6.59
CA ALA E 38 -11.29 -14.16 6.43
C ALA E 38 -10.96 -12.68 6.38
N GLU E 39 -9.88 -12.27 7.04
CA GLU E 39 -9.47 -10.87 7.00
C GLU E 39 -8.96 -10.50 5.61
N LYS E 40 -8.21 -11.39 4.97
CA LYS E 40 -7.59 -11.06 3.69
C LYS E 40 -8.55 -11.16 2.52
N TYR E 41 -9.57 -12.00 2.60
N TYR E 41 -9.58 -12.00 2.60
CA TYR E 41 -10.44 -12.27 1.45
CA TYR E 41 -10.41 -12.18 1.42
C TYR E 41 -11.80 -11.61 1.51
C TYR E 41 -11.80 -11.56 1.52
N LYS E 42 -12.42 -11.53 2.69
CA LYS E 42 -13.75 -10.94 2.87
C LYS E 42 -14.79 -11.62 1.99
N ASP E 43 -14.78 -12.94 2.01
CA ASP E 43 -15.77 -13.68 1.23
C ASP E 43 -16.88 -14.18 2.14
N PRO E 44 -18.15 -14.10 1.73
CA PRO E 44 -19.23 -14.56 2.61
C PRO E 44 -19.14 -16.04 2.96
N GLU E 45 -18.68 -16.89 2.04
CA GLU E 45 -18.59 -18.31 2.34
C GLU E 45 -17.52 -18.59 3.38
N VAL E 46 -16.33 -18.00 3.21
CA VAL E 46 -15.27 -18.10 4.23
C VAL E 46 -15.78 -17.66 5.59
N ARG E 47 -16.56 -16.58 5.64
CA ARG E 47 -17.04 -16.11 6.94
C ARG E 47 -17.99 -17.11 7.58
N ARG E 48 -18.87 -17.72 6.78
CA ARG E 48 -19.79 -18.71 7.35
C ARG E 48 -19.05 -19.94 7.84
N ILE E 49 -17.96 -20.33 7.18
CA ILE E 49 -17.13 -21.42 7.70
C ILE E 49 -16.44 -21.01 8.99
N LEU E 50 -15.95 -19.77 9.04
CA LEU E 50 -15.36 -19.27 10.29
C LEU E 50 -16.38 -19.31 11.41
N GLU E 51 -17.62 -18.87 11.13
CA GLU E 51 -18.67 -18.90 12.15
C GLU E 51 -18.93 -20.31 12.64
N GLU E 52 -18.89 -21.29 11.74
CA GLU E 52 -19.05 -22.68 12.16
C GLU E 52 -17.88 -23.13 13.03
N ALA E 53 -16.65 -22.75 12.66
CA ALA E 53 -15.49 -23.12 13.49
C ALA E 53 -15.58 -22.47 14.86
N GLU E 54 -16.12 -21.25 14.93
CA GLU E 54 -16.31 -20.62 16.23
C GLU E 54 -17.31 -21.39 17.08
N ARG E 55 -18.45 -21.77 16.51
CA ARG E 55 -19.42 -22.51 17.29
C ARG E 55 -18.83 -23.82 17.79
N TYR E 56 -17.99 -24.46 16.98
CA TYR E 56 -17.48 -25.77 17.36
C TYR E 56 -16.40 -25.65 18.43
N ILE E 57 -15.60 -24.58 18.36
CA ILE E 57 -14.38 -24.49 19.15
C ILE E 57 -14.69 -24.28 20.62
N LYS E 58 -15.80 -23.63 20.91
CA LYS E 58 -16.11 -23.27 22.28
C LYS E 58 -17.09 -24.28 22.85
N PHE F 1 2.71 -16.14 4.46
CA PHE F 1 3.07 -17.55 4.50
C PHE F 1 2.53 -18.25 3.26
N THR F 2 3.40 -18.94 2.53
CA THR F 2 3.03 -19.59 1.29
C THR F 2 3.51 -21.04 1.29
N VAL F 3 2.65 -21.93 0.83
CA VAL F 3 2.99 -23.31 0.53
C VAL F 3 3.31 -23.39 -0.95
N THR F 4 4.41 -24.05 -1.31
CA THR F 4 4.79 -24.21 -2.70
C THR F 4 4.91 -25.69 -3.01
N VAL F 5 4.71 -26.02 -4.28
CA VAL F 5 4.82 -27.39 -4.76
C VAL F 5 5.87 -27.41 -5.86
N PRO F 6 6.92 -28.24 -5.76
CA PRO F 6 7.88 -28.31 -6.87
C PRO F 6 7.26 -28.89 -8.11
N LYS F 7 6.19 -29.66 -7.97
CA LYS F 7 5.53 -30.38 -9.06
C LYS F 7 4.06 -30.50 -8.68
N ASP F 8 3.15 -30.05 -9.55
CA ASP F 8 1.73 -30.12 -9.25
C ASP F 8 1.00 -31.17 -10.09
N LEU F 9 1.71 -31.88 -10.94
CA LEU F 9 1.14 -33.00 -11.69
C LEU F 9 2.13 -34.14 -11.63
N TYR F 10 1.66 -35.32 -11.22
CA TYR F 10 2.46 -36.52 -11.16
C TYR F 10 1.82 -37.58 -12.05
N VAL F 11 2.64 -38.33 -12.76
CA VAL F 11 2.15 -39.49 -13.51
C VAL F 11 2.93 -40.70 -13.03
N VAL F 12 2.22 -41.61 -12.35
CA VAL F 12 2.84 -42.78 -11.75
C VAL F 12 2.20 -44.04 -12.31
N GLU F 13 2.91 -45.15 -12.14
CA GLU F 13 2.42 -46.44 -12.60
C GLU F 13 1.73 -47.17 -11.46
N TYR F 14 0.65 -47.87 -11.78
CA TYR F 14 0.04 -48.82 -10.86
C TYR F 14 1.09 -49.69 -10.19
N GLY F 15 0.96 -49.86 -8.87
CA GLY F 15 1.88 -50.67 -8.10
C GLY F 15 3.14 -49.96 -7.63
N SER F 16 3.48 -48.84 -8.24
CA SER F 16 4.67 -48.11 -7.84
C SER F 16 4.45 -47.45 -6.49
N ASN F 17 5.54 -46.91 -5.95
CA ASN F 17 5.49 -45.98 -4.83
C ASN F 17 5.64 -44.56 -5.36
N MET F 18 5.05 -43.61 -4.65
CA MET F 18 5.16 -42.22 -5.05
C MET F 18 5.35 -41.36 -3.81
N THR F 19 6.20 -40.35 -3.94
CA THR F 19 6.35 -39.33 -2.92
C THR F 19 5.97 -37.99 -3.55
N ILE F 20 4.98 -37.31 -2.97
CA ILE F 20 4.57 -36.01 -3.43
C ILE F 20 4.94 -34.99 -2.36
N GLU F 21 5.39 -33.83 -2.81
CA GLU F 21 6.10 -32.89 -1.96
C GLU F 21 5.34 -31.58 -1.86
N CYS F 22 5.43 -31.01 -0.66
CA CYS F 22 4.68 -29.83 -0.26
C CYS F 22 5.65 -29.03 0.59
N LYS F 23 6.05 -27.85 0.13
CA LYS F 23 7.11 -27.10 0.80
C LYS F 23 6.59 -25.87 1.51
N PHE F 24 7.24 -25.51 2.63
CA PHE F 24 6.84 -24.34 3.39
C PHE F 24 8.07 -23.68 3.99
N PRO F 25 8.02 -22.37 4.27
CA PRO F 25 9.22 -21.67 4.72
C PRO F 25 9.62 -22.07 6.14
N VAL F 26 10.91 -22.28 6.33
CA VAL F 26 11.49 -22.63 7.63
C VAL F 26 12.72 -21.74 7.79
N GLU F 27 12.54 -20.58 8.43
CA GLU F 27 13.63 -19.61 8.54
C GLU F 27 14.58 -19.94 9.68
N LYS F 28 14.09 -20.53 10.75
CA LYS F 28 14.90 -20.94 11.89
C LYS F 28 14.88 -22.47 11.98
N GLN F 29 15.32 -22.97 13.12
CA GLN F 29 15.05 -24.36 13.46
C GLN F 29 13.54 -24.59 13.45
N LEU F 30 13.11 -25.69 12.84
CA LEU F 30 11.69 -26.01 12.82
C LEU F 30 11.15 -26.10 14.25
N ASP F 31 10.00 -25.48 14.49
CA ASP F 31 9.33 -25.56 15.79
C ASP F 31 8.15 -26.51 15.66
N LEU F 32 8.33 -27.75 16.12
CA LEU F 32 7.25 -28.73 16.00
C LEU F 32 6.03 -28.36 16.83
N ALA F 33 6.20 -27.55 17.88
CA ALA F 33 5.04 -27.19 18.68
C ALA F 33 4.14 -26.19 17.96
N ALA F 34 4.57 -25.66 16.81
CA ALA F 34 3.77 -24.70 16.06
C ALA F 34 3.34 -25.21 14.69
N LEU F 35 3.60 -26.49 14.39
CA LEU F 35 3.42 -27.03 13.04
C LEU F 35 2.24 -27.99 12.98
N ILE F 36 1.41 -27.85 11.95
CA ILE F 36 0.31 -28.76 11.65
C ILE F 36 0.42 -29.08 10.18
N VAL F 37 0.36 -30.37 9.83
CA VAL F 37 0.42 -30.82 8.44
C VAL F 37 -0.77 -31.72 8.15
N TYR F 38 -1.46 -31.46 7.04
CA TYR F 38 -2.64 -32.22 6.65
C TYR F 38 -2.57 -32.56 5.17
N TRP F 39 -2.80 -33.83 4.85
CA TRP F 39 -2.97 -34.30 3.48
C TRP F 39 -4.34 -34.96 3.34
N GLU F 40 -5.00 -34.69 2.22
CA GLU F 40 -6.27 -35.34 1.92
C GLU F 40 -6.35 -35.57 0.42
N MET F 41 -7.17 -36.54 0.03
CA MET F 41 -7.56 -36.68 -1.36
C MET F 41 -9.04 -37.05 -1.38
N GLU F 42 -9.81 -36.39 -2.24
CA GLU F 42 -11.26 -36.38 -2.14
C GLU F 42 -11.58 -35.96 -0.70
N ASP F 43 -12.43 -36.67 0.03
CA ASP F 43 -12.70 -36.33 1.42
C ASP F 43 -11.91 -37.21 2.38
N LYS F 44 -10.96 -37.99 1.88
CA LYS F 44 -10.24 -38.96 2.70
C LYS F 44 -9.08 -38.30 3.42
N ASN F 45 -8.98 -38.53 4.73
CA ASN F 45 -7.82 -38.07 5.52
C ASN F 45 -6.66 -39.01 5.26
N ILE F 46 -5.61 -38.50 4.64
CA ILE F 46 -4.40 -39.30 4.42
C ILE F 46 -3.44 -39.18 5.59
N ILE F 47 -3.13 -37.95 6.01
CA ILE F 47 -2.17 -37.73 7.07
C ILE F 47 -2.60 -36.47 7.82
N GLN F 48 -2.58 -36.54 9.14
CA GLN F 48 -2.75 -35.36 9.99
C GLN F 48 -1.61 -35.35 11.00
N PHE F 49 -0.68 -34.42 10.84
CA PHE F 49 0.51 -34.32 11.69
C PHE F 49 0.33 -33.15 12.64
N VAL F 50 0.25 -33.45 13.94
CA VAL F 50 0.02 -32.45 14.97
C VAL F 50 0.89 -32.79 16.18
N HIS F 51 1.34 -31.74 16.87
CA HIS F 51 2.27 -31.83 18.00
C HIS F 51 3.32 -32.93 17.81
N GLY F 52 3.99 -32.87 16.66
CA GLY F 52 5.13 -33.73 16.42
C GLY F 52 4.84 -35.15 16.06
N GLU F 53 3.59 -35.54 15.83
CA GLU F 53 3.33 -36.92 15.46
C GLU F 53 2.17 -37.04 14.47
N GLU F 54 2.19 -38.14 13.72
CA GLU F 54 1.05 -38.50 12.89
C GLU F 54 -0.08 -39.01 13.77
N ASP F 55 -1.30 -38.57 13.48
CA ASP F 55 -2.49 -38.98 14.22
C ASP F 55 -3.12 -40.13 13.45
N LEU F 56 -2.75 -41.36 13.81
CA LEU F 56 -3.16 -42.52 13.01
C LEU F 56 -4.66 -42.79 13.13
N LYS F 57 -5.30 -42.43 14.24
CA LYS F 57 -6.70 -42.77 14.41
C LYS F 57 -7.60 -42.04 13.42
N VAL F 58 -7.18 -40.89 12.90
CA VAL F 58 -8.01 -40.16 11.95
C VAL F 58 -7.73 -40.54 10.51
N GLN F 59 -6.68 -41.31 10.26
CA GLN F 59 -6.31 -41.69 8.90
C GLN F 59 -7.36 -42.60 8.30
N HIS F 60 -7.79 -42.29 7.08
CA HIS F 60 -8.74 -43.13 6.36
C HIS F 60 -8.19 -44.53 6.18
N SER F 61 -9.06 -45.52 6.31
CA SER F 61 -8.64 -46.92 6.38
C SER F 61 -7.91 -47.38 5.13
N SER F 62 -8.27 -46.82 3.98
CA SER F 62 -7.65 -47.28 2.74
C SER F 62 -6.19 -46.87 2.63
N TYR F 63 -5.75 -45.92 3.46
CA TYR F 63 -4.35 -45.49 3.48
C TYR F 63 -3.57 -46.07 4.66
N ARG F 64 -4.21 -46.88 5.50
CA ARG F 64 -3.53 -47.53 6.62
C ARG F 64 -2.36 -48.38 6.14
N GLN F 65 -1.19 -48.19 6.75
CA GLN F 65 0.07 -48.85 6.46
C GLN F 65 0.59 -48.55 5.05
N ARG F 66 -0.12 -47.74 4.26
CA ARG F 66 0.29 -47.41 2.90
C ARG F 66 0.80 -45.98 2.74
N ALA F 67 0.34 -45.06 3.58
CA ALA F 67 0.68 -43.65 3.48
C ALA F 67 1.40 -43.19 4.75
N ARG F 68 2.40 -42.34 4.57
CA ARG F 68 3.13 -41.83 5.73
C ARG F 68 3.76 -40.50 5.37
N LEU F 69 3.96 -39.67 6.39
CA LEU F 69 4.76 -38.48 6.17
C LEU F 69 6.22 -38.82 6.37
N LEU F 70 7.08 -38.29 5.50
CA LEU F 70 8.52 -38.44 5.70
C LEU F 70 8.93 -37.36 6.68
N LYS F 71 8.80 -37.70 7.97
CA LYS F 71 8.91 -36.70 9.03
C LYS F 71 10.30 -36.07 9.09
N ASP F 72 11.34 -36.82 8.67
CA ASP F 72 12.67 -36.24 8.67
C ASP F 72 12.79 -35.03 7.74
N GLN F 73 11.99 -35.01 6.66
CA GLN F 73 12.06 -33.91 5.70
C GLN F 73 11.43 -32.62 6.21
N LEU F 74 10.67 -32.69 7.31
CA LEU F 74 10.01 -31.50 7.81
C LEU F 74 11.00 -30.44 8.27
N SER F 75 12.17 -30.86 8.76
CA SER F 75 13.15 -29.87 9.24
C SER F 75 13.69 -29.00 8.11
N LEU F 76 13.53 -29.44 6.86
CA LEU F 76 13.97 -28.67 5.71
C LEU F 76 12.85 -27.87 5.07
N GLY F 77 11.65 -27.89 5.68
CA GLY F 77 10.50 -27.25 5.06
C GLY F 77 9.79 -28.08 4.01
N ASN F 78 9.93 -29.40 4.07
CA ASN F 78 9.36 -30.30 3.08
C ASN F 78 8.35 -31.21 3.77
N ALA F 79 7.08 -31.09 3.39
CA ALA F 79 6.02 -31.98 3.84
C ALA F 79 5.88 -33.02 2.73
N ALA F 80 6.56 -34.15 2.91
CA ALA F 80 6.62 -35.16 1.86
C ALA F 80 5.70 -36.32 2.19
N LEU F 81 4.70 -36.55 1.34
CA LEU F 81 3.75 -37.65 1.52
C LEU F 81 4.17 -38.81 0.64
N GLN F 82 4.36 -39.97 1.25
CA GLN F 82 4.72 -41.16 0.51
C GLN F 82 3.62 -42.20 0.62
N ILE F 83 3.13 -42.67 -0.52
CA ILE F 83 2.13 -43.72 -0.60
C ILE F 83 2.72 -44.89 -1.37
N THR F 84 2.71 -46.05 -0.75
CA THR F 84 3.31 -47.23 -1.37
C THR F 84 2.23 -48.07 -2.04
N ASP F 85 2.61 -48.77 -3.10
CA ASP F 85 1.70 -49.61 -3.88
C ASP F 85 0.48 -48.82 -4.33
N VAL F 86 0.71 -48.00 -5.36
CA VAL F 86 -0.31 -47.08 -5.83
C VAL F 86 -1.40 -47.86 -6.58
N LYS F 87 -2.65 -47.46 -6.37
CA LYS F 87 -3.78 -48.10 -7.01
C LYS F 87 -4.49 -47.12 -7.93
N LEU F 88 -5.40 -47.65 -8.74
CA LEU F 88 -6.22 -46.78 -9.58
C LEU F 88 -6.96 -45.75 -8.74
N GLN F 89 -7.50 -46.18 -7.60
CA GLN F 89 -8.29 -45.29 -6.76
C GLN F 89 -7.45 -44.20 -6.10
N ASP F 90 -6.11 -44.28 -6.21
CA ASP F 90 -5.24 -43.24 -5.70
C ASP F 90 -5.06 -42.06 -6.65
N ALA F 91 -5.62 -42.13 -7.85
CA ALA F 91 -5.53 -41.02 -8.80
C ALA F 91 -6.55 -39.95 -8.47
N GLY F 92 -6.15 -38.70 -8.60
CA GLY F 92 -7.03 -37.56 -8.38
C GLY F 92 -6.26 -36.37 -7.82
N VAL F 93 -7.00 -35.52 -7.11
CA VAL F 93 -6.46 -34.26 -6.60
C VAL F 93 -6.15 -34.41 -5.12
N TYR F 94 -4.88 -34.29 -4.79
CA TYR F 94 -4.41 -34.28 -3.41
C TYR F 94 -4.30 -32.83 -2.96
N ARG F 95 -4.54 -32.60 -1.68
CA ARG F 95 -4.36 -31.27 -1.12
C ARG F 95 -3.45 -31.40 0.09
N CYS F 96 -2.45 -30.54 0.17
CA CYS F 96 -1.62 -30.45 1.35
C CYS F 96 -1.86 -29.10 1.99
N MET F 97 -2.20 -29.11 3.28
CA MET F 97 -2.38 -27.90 4.06
C MET F 97 -1.33 -27.90 5.17
N ILE F 98 -0.60 -26.81 5.27
CA ILE F 98 0.39 -26.61 6.32
C ILE F 98 0.03 -25.35 7.08
N SER F 99 0.03 -25.45 8.42
CA SER F 99 -0.15 -24.32 9.32
C SER F 99 1.12 -24.17 10.14
N TYR F 100 1.80 -23.04 9.97
CA TYR F 100 3.10 -22.80 10.57
C TYR F 100 3.41 -21.31 10.53
N GLY F 101 2.88 -20.55 11.49
CA GLY F 101 3.00 -19.10 11.41
C GLY F 101 2.13 -18.54 10.30
N GLY F 102 0.95 -19.11 10.10
CA GLY F 102 0.14 -18.85 8.93
C GLY F 102 -0.29 -20.18 8.33
N ALA F 103 -1.19 -20.11 7.37
CA ALA F 103 -1.64 -21.34 6.74
C ALA F 103 -1.82 -21.13 5.25
N ASP F 104 -1.55 -22.20 4.52
CA ASP F 104 -1.75 -22.19 3.08
C ASP F 104 -1.94 -23.64 2.65
N TYR F 105 -2.33 -23.82 1.41
CA TYR F 105 -2.53 -25.17 0.90
C TYR F 105 -2.25 -25.16 -0.59
N LYS F 106 -1.95 -26.35 -1.14
CA LYS F 106 -1.72 -26.47 -2.57
C LYS F 106 -2.35 -27.77 -3.06
N ARG F 107 -2.77 -27.76 -4.31
CA ARG F 107 -3.34 -28.93 -4.96
C ARG F 107 -2.30 -29.63 -5.85
N ILE F 108 -2.28 -30.97 -5.78
CA ILE F 108 -1.45 -31.79 -6.65
C ILE F 108 -2.33 -32.81 -7.35
N THR F 109 -2.23 -32.86 -8.66
CA THR F 109 -3.01 -33.82 -9.44
C THR F 109 -2.13 -35.05 -9.71
N VAL F 110 -2.70 -36.23 -9.53
CA VAL F 110 -1.98 -37.48 -9.73
C VAL F 110 -2.71 -38.31 -10.77
N LYS F 111 -1.98 -38.72 -11.80
CA LYS F 111 -2.45 -39.67 -12.80
C LYS F 111 -1.80 -41.01 -12.56
N VAL F 112 -2.60 -42.07 -12.56
CA VAL F 112 -2.11 -43.43 -12.39
C VAL F 112 -2.34 -44.12 -13.72
N ASN F 113 -1.25 -44.51 -14.40
CA ASN F 113 -1.35 -45.22 -15.67
C ASN F 113 -1.60 -46.70 -15.41
N LYS F 114 -2.55 -47.28 -16.15
CA LYS F 114 -2.97 -48.68 -16.04
C LYS F 114 -2.54 -49.33 -14.75
N GLY G 1 -8.96 30.25 2.93
CA GLY G 1 -8.16 30.55 4.11
C GLY G 1 -6.77 29.95 4.08
N PRO G 2 -6.50 29.04 5.00
CA PRO G 2 -5.14 28.48 5.11
C PRO G 2 -4.69 27.68 3.89
N ASP G 3 -5.49 26.71 3.43
CA ASP G 3 -5.07 25.90 2.29
C ASP G 3 -4.91 26.74 1.03
N ARG G 4 -5.84 27.66 0.77
CA ARG G 4 -5.72 28.56 -0.36
C ARG G 4 -4.41 29.36 -0.31
N GLU G 5 -4.03 29.80 0.89
CA GLU G 5 -2.78 30.56 1.02
C GLU G 5 -1.57 29.70 0.69
N ARG G 6 -1.52 28.48 1.22
CA ARG G 6 -0.42 27.59 0.93
C ARG G 6 -0.35 27.24 -0.56
N ALA G 7 -1.52 27.03 -1.16
CA ALA G 7 -1.56 26.69 -2.58
C ALA G 7 -1.00 27.83 -3.43
N ARG G 8 -1.37 29.07 -3.08
CA ARG G 8 -0.84 30.22 -3.80
C ARG G 8 0.65 30.39 -3.53
N GLU G 9 1.12 30.15 -2.30
CA GLU G 9 2.57 30.22 -2.03
C GLU G 9 3.32 29.16 -2.83
N LEU G 10 2.81 27.93 -2.87
CA LEU G 10 3.47 26.91 -3.69
C LEU G 10 3.53 27.34 -5.15
N ALA G 11 2.40 27.79 -5.69
CA ALA G 11 2.38 28.20 -7.09
C ALA G 11 3.43 29.28 -7.35
N ARG G 12 3.53 30.27 -6.45
CA ARG G 12 4.55 31.30 -6.62
C ARG G 12 5.96 30.70 -6.62
N ILE G 13 6.20 29.75 -5.72
CA ILE G 13 7.54 29.17 -5.65
C ILE G 13 7.88 28.41 -6.93
N LEU G 14 6.91 27.67 -7.48
CA LEU G 14 7.17 26.92 -8.70
C LEU G 14 7.45 27.85 -9.87
N LEU G 15 6.73 28.98 -9.95
CA LEU G 15 7.02 29.94 -11.01
C LEU G 15 8.38 30.59 -10.82
N LYS G 16 8.74 30.92 -9.58
CA LYS G 16 10.06 31.47 -9.31
C LYS G 16 11.17 30.54 -9.80
N VAL G 17 11.08 29.27 -9.45
CA VAL G 17 12.13 28.31 -9.84
C VAL G 17 12.15 28.12 -11.36
N ILE G 18 10.99 28.15 -12.00
CA ILE G 18 10.97 28.10 -13.47
C ILE G 18 11.78 29.25 -14.04
N LYS G 19 11.60 30.46 -13.50
CA LYS G 19 12.29 31.61 -14.04
C LYS G 19 13.78 31.62 -13.67
N LEU G 20 14.18 30.84 -12.66
CA LEU G 20 15.57 30.75 -12.23
C LEU G 20 16.34 29.59 -12.85
N SER G 21 15.69 28.67 -13.56
CA SER G 21 16.32 27.43 -13.98
C SER G 21 16.67 27.45 -15.46
N ASP G 22 17.94 27.19 -15.77
CA ASP G 22 18.38 27.13 -17.16
C ASP G 22 18.13 25.77 -17.79
N SER G 23 17.41 24.89 -17.11
CA SER G 23 17.13 23.55 -17.64
C SER G 23 15.71 23.52 -18.19
N PRO G 24 15.51 23.27 -19.48
CA PRO G 24 14.13 23.17 -19.99
C PRO G 24 13.37 22.00 -19.40
N GLU G 25 14.04 20.87 -19.14
CA GLU G 25 13.35 19.75 -18.54
C GLU G 25 12.89 20.07 -17.11
N ALA G 26 13.74 20.73 -16.33
CA ALA G 26 13.31 21.21 -15.02
C ALA G 26 12.13 22.17 -15.14
N ARG G 27 12.19 23.10 -16.08
CA ARG G 27 11.11 24.06 -16.23
C ARG G 27 9.80 23.36 -16.57
N ARG G 28 9.84 22.36 -17.47
CA ARG G 28 8.62 21.62 -17.79
C ARG G 28 8.16 20.76 -16.63
N GLN G 29 9.08 20.14 -15.89
CA GLN G 29 8.72 19.42 -14.67
C GLN G 29 7.96 20.32 -13.69
N LEU G 30 8.49 21.52 -13.39
CA LEU G 30 7.79 22.43 -12.50
C LEU G 30 6.45 22.87 -13.08
N LEU G 31 6.37 23.01 -14.41
CA LEU G 31 5.10 23.40 -15.01
C LEU G 31 4.06 22.31 -14.82
N ARG G 32 4.46 21.05 -14.96
CA ARG G 32 3.55 19.95 -14.65
C ARG G 32 3.06 20.03 -13.21
N ASN G 33 3.98 20.25 -12.26
CA ASN G 33 3.57 20.45 -10.87
C ASN G 33 2.54 21.57 -10.76
N LEU G 34 2.77 22.69 -11.46
CA LEU G 34 1.83 23.80 -11.40
C LEU G 34 0.48 23.43 -12.01
N GLU G 35 0.47 22.68 -13.10
CA GLU G 35 -0.79 22.19 -13.66
C GLU G 35 -1.48 21.26 -12.68
N GLU G 36 -0.71 20.35 -12.07
CA GLU G 36 -1.28 19.46 -11.07
C GLU G 36 -1.86 20.24 -9.92
N LEU G 37 -1.14 21.28 -9.46
CA LEU G 37 -1.61 22.13 -8.37
C LEU G 37 -2.92 22.80 -8.72
N ALA G 38 -3.02 23.34 -9.94
CA ALA G 38 -4.25 24.02 -10.35
C ALA G 38 -5.42 23.05 -10.44
N GLU G 39 -5.15 21.83 -10.90
CA GLU G 39 -6.19 20.80 -10.94
C GLU G 39 -6.72 20.47 -9.55
N LYS G 40 -5.83 20.41 -8.56
CA LYS G 40 -6.27 20.01 -7.21
C LYS G 40 -6.98 21.12 -6.46
N TYR G 41 -6.68 22.38 -6.77
CA TYR G 41 -7.19 23.48 -5.96
C TYR G 41 -8.22 24.35 -6.65
N LYS G 42 -8.13 24.54 -7.96
CA LYS G 42 -9.06 25.36 -8.73
C LYS G 42 -9.20 26.75 -8.10
N ASP G 43 -8.06 27.41 -7.94
CA ASP G 43 -7.98 28.76 -7.40
C ASP G 43 -7.61 29.75 -8.50
N PRO G 44 -8.27 30.90 -8.59
CA PRO G 44 -8.00 31.79 -9.74
C PRO G 44 -6.60 32.41 -9.74
N GLU G 45 -6.01 32.65 -8.57
CA GLU G 45 -4.64 33.16 -8.54
C GLU G 45 -3.63 32.08 -8.93
N VAL G 46 -3.84 30.84 -8.48
CA VAL G 46 -3.00 29.74 -8.95
C VAL G 46 -3.08 29.62 -10.47
N ARG G 47 -4.28 29.74 -11.02
CA ARG G 47 -4.43 29.69 -12.48
C ARG G 47 -3.69 30.85 -13.16
N ARG G 48 -3.76 32.05 -12.58
CA ARG G 48 -3.04 33.17 -13.16
C ARG G 48 -1.53 32.96 -13.11
N ILE G 49 -1.00 32.36 -12.03
CA ILE G 49 0.41 32.07 -11.96
C ILE G 49 0.78 30.98 -12.97
N LEU G 50 -0.07 29.95 -13.11
CA LEU G 50 0.16 28.94 -14.15
C LEU G 50 0.16 29.59 -15.54
N GLU G 51 -0.74 30.55 -15.79
CA GLU G 51 -0.76 31.21 -17.09
C GLU G 51 0.54 31.96 -17.34
N GLU G 52 1.08 32.63 -16.31
CA GLU G 52 2.36 33.32 -16.49
C GLU G 52 3.50 32.33 -16.76
N ALA G 53 3.46 31.15 -16.12
CA ALA G 53 4.50 30.15 -16.35
C ALA G 53 4.43 29.62 -17.78
N GLU G 54 3.21 29.42 -18.31
CA GLU G 54 3.06 29.05 -19.71
C GLU G 54 3.64 30.09 -20.64
N ARG G 55 3.42 31.38 -20.35
CA ARG G 55 3.94 32.40 -21.26
C ARG G 55 5.45 32.42 -21.26
N TYR G 56 6.06 32.17 -20.10
CA TYR G 56 7.50 32.18 -19.98
C TYR G 56 8.13 30.94 -20.59
N ILE G 57 7.46 29.78 -20.44
CA ILE G 57 8.05 28.50 -20.81
C ILE G 57 8.31 28.44 -22.30
N LYS G 58 7.50 29.15 -23.08
CA LYS G 58 7.68 29.23 -24.52
C LYS G 58 8.47 30.49 -24.87
N PHE H 1 2.13 13.22 -3.25
CA PHE H 1 3.49 13.60 -2.88
C PHE H 1 3.43 14.61 -1.74
N THR H 2 4.14 14.31 -0.65
CA THR H 2 4.08 15.11 0.55
C THR H 2 5.50 15.39 1.05
N VAL H 3 5.75 16.64 1.41
CA VAL H 3 6.95 17.02 2.14
C VAL H 3 6.60 17.12 3.62
N THR H 4 7.42 16.49 4.46
CA THR H 4 7.22 16.54 5.90
C THR H 4 8.42 17.22 6.57
N VAL H 5 8.14 18.04 7.57
CA VAL H 5 9.19 18.63 8.39
C VAL H 5 9.10 17.98 9.77
N PRO H 6 10.12 17.23 10.22
CA PRO H 6 10.05 16.66 11.57
C PRO H 6 9.92 17.72 12.65
N LYS H 7 10.59 18.85 12.46
CA LYS H 7 10.60 20.00 13.36
C LYS H 7 10.39 21.25 12.52
N ASP H 8 9.47 22.12 12.93
CA ASP H 8 9.22 23.33 12.13
C ASP H 8 9.61 24.60 12.87
N LEU H 9 10.28 24.48 14.01
CA LEU H 9 10.84 25.62 14.72
C LEU H 9 12.26 25.27 15.10
N TYR H 10 13.20 26.11 14.69
CA TYR H 10 14.59 26.01 15.10
C TYR H 10 14.96 27.26 15.87
N VAL H 11 15.66 27.08 16.99
CA VAL H 11 16.22 28.17 17.77
C VAL H 11 17.73 27.96 17.80
N VAL H 12 18.47 28.90 17.21
CA VAL H 12 19.91 28.79 17.11
C VAL H 12 20.53 30.07 17.65
N GLU H 13 21.74 29.94 18.15
CA GLU H 13 22.47 31.08 18.70
C GLU H 13 23.23 31.79 17.59
N TYR H 14 23.39 33.10 17.74
CA TYR H 14 24.24 33.87 16.85
C TYR H 14 25.60 33.21 16.71
N GLY H 15 26.08 33.13 15.47
CA GLY H 15 27.39 32.56 15.16
C GLY H 15 27.44 31.06 15.02
N SER H 16 26.39 30.35 15.43
CA SER H 16 26.39 28.89 15.41
C SER H 16 25.98 28.38 14.04
N ASN H 17 26.01 27.06 13.88
CA ASN H 17 25.57 26.43 12.65
C ASN H 17 24.22 25.75 12.86
N MET H 18 23.46 25.63 11.80
CA MET H 18 22.16 25.00 11.87
C MET H 18 21.95 24.16 10.62
N THR H 19 21.26 23.05 10.81
CA THR H 19 20.85 22.17 9.71
C THR H 19 19.35 21.93 9.83
N ILE H 20 18.59 22.42 8.86
CA ILE H 20 17.14 22.30 8.89
C ILE H 20 16.72 21.31 7.82
N GLU H 21 15.68 20.52 8.09
CA GLU H 21 15.41 19.30 7.35
C GLU H 21 13.98 19.27 6.81
N CYS H 22 13.85 18.96 5.53
CA CYS H 22 12.58 18.60 4.91
C CYS H 22 12.71 17.22 4.31
N LYS H 23 11.74 16.35 4.59
CA LYS H 23 11.75 14.97 4.12
C LYS H 23 10.75 14.80 2.99
N PHE H 24 11.09 13.90 2.06
CA PHE H 24 10.21 13.60 0.95
C PHE H 24 10.32 12.10 0.67
N PRO H 25 9.29 11.50 0.07
CA PRO H 25 9.29 10.04 -0.10
C PRO H 25 10.21 9.58 -1.23
N VAL H 26 11.03 8.59 -0.93
CA VAL H 26 11.89 7.93 -1.90
C VAL H 26 11.53 6.46 -1.86
N GLU H 27 10.81 5.98 -2.88
CA GLU H 27 10.28 4.62 -2.86
C GLU H 27 11.19 3.62 -3.56
N LYS H 28 12.25 4.07 -4.22
CA LYS H 28 13.21 3.18 -4.84
C LYS H 28 14.60 3.70 -4.52
N GLN H 29 15.55 3.48 -5.42
CA GLN H 29 16.72 4.33 -5.43
C GLN H 29 16.29 5.75 -5.78
N LEU H 30 17.00 6.72 -5.23
CA LEU H 30 16.74 8.10 -5.61
C LEU H 30 17.12 8.32 -7.08
N ASP H 31 16.20 8.91 -7.85
CA ASP H 31 16.46 9.25 -9.25
C ASP H 31 16.79 10.73 -9.29
N LEU H 32 18.10 11.05 -9.36
CA LEU H 32 18.52 12.46 -9.34
C LEU H 32 17.99 13.21 -10.54
N ALA H 33 17.77 12.53 -11.65
CA ALA H 33 17.32 13.17 -12.88
C ALA H 33 15.84 13.54 -12.85
N ALA H 34 15.14 13.26 -11.75
CA ALA H 34 13.76 13.70 -11.58
C ALA H 34 13.57 14.63 -10.39
N LEU H 35 14.66 15.03 -9.72
CA LEU H 35 14.61 15.72 -8.44
C LEU H 35 14.99 17.19 -8.56
N ILE H 36 14.13 18.05 -8.02
CA ILE H 36 14.43 19.47 -7.83
C ILE H 36 14.24 19.79 -6.36
N VAL H 37 15.23 20.47 -5.78
CA VAL H 37 15.13 20.97 -4.40
C VAL H 37 15.38 22.48 -4.41
N TYR H 38 14.52 23.23 -3.72
CA TYR H 38 14.65 24.68 -3.64
C TYR H 38 14.45 25.11 -2.19
N TRP H 39 15.36 25.93 -1.68
CA TRP H 39 15.22 26.56 -0.37
C TRP H 39 15.25 28.07 -0.51
N GLU H 40 14.35 28.75 0.20
CA GLU H 40 14.31 30.20 0.16
C GLU H 40 13.92 30.74 1.52
N MET H 41 14.18 32.04 1.70
CA MET H 41 13.73 32.77 2.86
C MET H 41 13.61 34.22 2.42
N GLU H 42 12.45 34.86 2.65
CA GLU H 42 12.28 36.27 2.32
C GLU H 42 12.61 36.56 0.86
N ASP H 43 12.17 35.69 -0.04
CA ASP H 43 12.44 35.80 -1.47
C ASP H 43 13.93 35.66 -1.81
N LYS H 44 14.80 35.41 -0.84
CA LYS H 44 16.21 35.14 -1.13
C LYS H 44 16.42 33.67 -1.47
N ASN H 45 17.03 33.40 -2.63
CA ASN H 45 17.31 32.03 -3.06
C ASN H 45 18.48 31.47 -2.29
N ILE H 46 18.23 30.49 -1.42
CA ILE H 46 19.28 29.90 -0.61
C ILE H 46 19.96 28.74 -1.34
N ILE H 47 19.14 27.83 -1.84
CA ILE H 47 19.63 26.64 -2.52
C ILE H 47 18.70 26.34 -3.67
N GLN H 48 19.27 26.08 -4.84
CA GLN H 48 18.54 25.50 -5.96
C GLN H 48 19.33 24.28 -6.40
N PHE H 49 18.73 23.10 -6.25
CA PHE H 49 19.36 21.84 -6.61
C PHE H 49 18.61 21.24 -7.79
N VAL H 50 19.28 21.14 -8.94
CA VAL H 50 18.69 20.66 -10.19
C VAL H 50 19.72 19.79 -10.92
N HIS H 51 19.22 18.79 -11.64
CA HIS H 51 20.04 17.77 -12.30
C HIS H 51 21.28 17.40 -11.50
N GLY H 52 21.08 17.10 -10.22
CA GLY H 52 22.15 16.55 -9.41
C GLY H 52 23.15 17.55 -8.88
N GLU H 53 22.91 18.84 -9.03
CA GLU H 53 23.90 19.85 -8.72
C GLU H 53 23.26 21.08 -8.07
N GLU H 54 24.02 21.70 -7.17
CA GLU H 54 23.65 23.02 -6.68
C GLU H 54 23.96 24.07 -7.73
N ASP H 55 23.00 24.94 -8.02
CA ASP H 55 23.17 25.98 -9.04
C ASP H 55 23.61 27.25 -8.31
N LEU H 56 24.93 27.42 -8.20
CA LEU H 56 25.47 28.50 -7.38
C LEU H 56 25.18 29.88 -7.94
N LYS H 57 24.98 30.01 -9.26
CA LYS H 57 24.81 31.33 -9.83
C LYS H 57 23.52 32.01 -9.41
N VAL H 58 22.52 31.25 -8.95
CA VAL H 58 21.25 31.83 -8.52
C VAL H 58 21.19 32.02 -7.02
N GLN H 59 22.16 31.50 -6.27
CA GLN H 59 22.19 31.64 -4.82
C GLN H 59 22.35 33.09 -4.42
N HIS H 60 21.52 33.55 -3.49
CA HIS H 60 21.64 34.92 -2.99
C HIS H 60 23.02 35.19 -2.44
N SER H 61 23.47 36.44 -2.55
CA SER H 61 24.84 36.79 -2.19
C SER H 61 25.11 36.58 -0.70
N SER H 62 24.12 36.80 0.16
CA SER H 62 24.34 36.67 1.59
C SER H 62 24.59 35.22 2.02
N TYR H 63 24.30 34.25 1.15
CA TYR H 63 24.44 32.84 1.49
C TYR H 63 25.60 32.17 0.76
N ARG H 64 26.40 32.93 0.02
CA ARG H 64 27.58 32.36 -0.63
C ARG H 64 28.54 31.81 0.41
N GLN H 65 29.03 30.59 0.17
CA GLN H 65 30.01 29.93 1.03
C GLN H 65 29.48 29.67 2.44
N ARG H 66 28.23 30.04 2.70
CA ARG H 66 27.61 29.88 4.01
C ARG H 66 26.51 28.84 4.05
N ALA H 67 25.78 28.67 2.95
CA ALA H 67 24.64 27.76 2.89
C ALA H 67 24.92 26.65 1.89
N ARG H 68 24.53 25.42 2.24
CA ARG H 68 24.76 24.29 1.36
C ARG H 68 23.74 23.21 1.63
N LEU H 69 23.44 22.42 0.61
CA LEU H 69 22.61 21.24 0.78
C LEU H 69 23.50 20.07 1.15
N LEU H 70 23.07 19.28 2.13
CA LEU H 70 23.79 18.06 2.50
C LEU H 70 23.39 16.99 1.50
N LYS H 71 24.08 16.97 0.36
CA LYS H 71 23.64 16.16 -0.77
C LYS H 71 23.59 14.67 -0.46
N ASP H 72 24.44 14.18 0.44
CA ASP H 72 24.41 12.76 0.75
C ASP H 72 23.09 12.33 1.39
N GLN H 73 22.39 13.24 2.06
CA GLN H 73 21.13 12.93 2.73
C GLN H 73 19.96 12.75 1.77
N LEU H 74 20.07 13.23 0.53
CA LEU H 74 18.93 13.13 -0.38
C LEU H 74 18.56 11.69 -0.68
N SER H 75 19.52 10.77 -0.66
CA SER H 75 19.21 9.38 -0.96
C SER H 75 18.32 8.75 0.10
N LEU H 76 18.26 9.34 1.30
CA LEU H 76 17.36 8.91 2.36
C LEU H 76 16.05 9.67 2.36
N GLY H 77 15.83 10.54 1.38
CA GLY H 77 14.63 11.35 1.36
C GLY H 77 14.70 12.57 2.26
N ASN H 78 15.91 13.06 2.56
CA ASN H 78 16.12 14.17 3.47
C ASN H 78 16.79 15.30 2.69
N ALA H 79 16.07 16.39 2.47
CA ALA H 79 16.66 17.60 1.90
C ALA H 79 17.10 18.44 3.10
N ALA H 80 18.40 18.45 3.38
CA ALA H 80 18.92 19.06 4.59
C ALA H 80 19.71 20.30 4.21
N LEU H 81 19.27 21.45 4.73
CA LEU H 81 19.93 22.72 4.46
C LEU H 81 20.81 23.06 5.65
N GLN H 82 22.10 23.28 5.40
CA GLN H 82 23.04 23.69 6.43
C GLN H 82 23.51 25.11 6.17
N ILE H 83 23.35 25.97 7.17
CA ILE H 83 23.88 27.33 7.13
C ILE H 83 24.90 27.45 8.26
N THR H 84 26.07 27.99 7.93
CA THR H 84 27.14 28.20 8.90
C THR H 84 27.21 29.66 9.31
N ASP H 85 27.57 29.90 10.56
CA ASP H 85 27.77 31.26 11.09
C ASP H 85 26.50 32.09 10.93
N VAL H 86 25.47 31.64 11.65
CA VAL H 86 24.14 32.23 11.50
C VAL H 86 24.15 33.66 12.03
N LYS H 87 23.47 34.56 11.31
CA LYS H 87 23.39 35.98 11.63
C LYS H 87 21.98 36.35 12.06
N LEU H 88 21.85 37.57 12.61
CA LEU H 88 20.52 38.04 13.00
C LEU H 88 19.55 38.02 11.84
N GLN H 89 20.01 38.43 10.66
CA GLN H 89 19.19 38.52 9.45
C GLN H 89 18.81 37.15 8.91
N ASP H 90 19.41 36.08 9.43
CA ASP H 90 19.02 34.73 9.07
C ASP H 90 17.76 34.25 9.78
N ALA H 91 17.21 35.02 10.72
CA ALA H 91 15.97 34.62 11.37
C ALA H 91 14.77 34.84 10.45
N GLY H 92 13.81 33.94 10.52
CA GLY H 92 12.62 34.11 9.73
C GLY H 92 12.06 32.77 9.29
N VAL H 93 11.21 32.84 8.28
CA VAL H 93 10.47 31.69 7.77
C VAL H 93 11.21 31.18 6.55
N TYR H 94 11.67 29.94 6.63
CA TYR H 94 12.30 29.24 5.53
C TYR H 94 11.27 28.40 4.82
N ARG H 95 11.41 28.30 3.51
CA ARG H 95 10.56 27.41 2.73
C ARG H 95 11.42 26.43 1.96
N CYS H 96 11.07 25.16 2.07
CA CYS H 96 11.69 24.10 1.28
C CYS H 96 10.65 23.59 0.31
N MET H 97 11.01 23.54 -0.95
CA MET H 97 10.14 23.00 -2.00
C MET H 97 10.88 21.85 -2.64
N ILE H 98 10.19 20.72 -2.78
CA ILE H 98 10.75 19.54 -3.41
C ILE H 98 9.81 19.11 -4.52
N SER H 99 10.39 18.85 -5.70
CA SER H 99 9.66 18.30 -6.83
C SER H 99 10.28 16.95 -7.15
N TYR H 100 9.51 15.89 -6.99
CA TYR H 100 9.99 14.53 -7.23
C TYR H 100 8.78 13.61 -7.46
N GLY H 101 8.30 13.52 -8.69
CA GLY H 101 7.04 12.83 -8.90
C GLY H 101 5.88 13.57 -8.26
N GLY H 102 5.94 14.89 -8.25
CA GLY H 102 5.00 15.75 -7.56
C GLY H 102 5.75 16.85 -6.83
N ALA H 103 4.99 17.82 -6.36
CA ALA H 103 5.63 18.93 -5.66
C ALA H 103 4.86 19.29 -4.40
N ASP H 104 5.61 19.71 -3.39
CA ASP H 104 5.07 20.16 -2.13
C ASP H 104 6.11 21.07 -1.50
N TYR H 105 5.71 21.76 -0.45
CA TYR H 105 6.65 22.62 0.26
C TYR H 105 6.22 22.70 1.72
N LYS H 106 7.15 23.12 2.57
CA LYS H 106 6.83 23.31 3.98
C LYS H 106 7.52 24.56 4.46
N ARG H 107 6.98 25.10 5.55
CA ARG H 107 7.52 26.27 6.21
C ARG H 107 8.23 25.89 7.50
N ILE H 108 9.38 26.51 7.74
CA ILE H 108 10.17 26.29 8.95
C ILE H 108 10.50 27.66 9.51
N THR H 109 10.21 27.85 10.79
CA THR H 109 10.56 29.08 11.49
C THR H 109 11.93 28.94 12.12
N VAL H 110 12.78 29.94 11.90
CA VAL H 110 14.11 30.00 12.52
C VAL H 110 14.18 31.25 13.38
N LYS H 111 14.51 31.06 14.65
CA LYS H 111 14.70 32.13 15.63
C LYS H 111 16.16 32.16 16.02
N VAL H 112 16.80 33.33 15.88
CA VAL H 112 18.21 33.53 16.24
C VAL H 112 18.28 34.34 17.53
N ASN H 113 19.10 33.88 18.47
CA ASN H 113 19.22 34.51 19.79
C ASN H 113 20.59 35.13 20.02
N LYS H 114 20.73 35.75 21.19
CA LYS H 114 21.96 36.40 21.66
C LYS H 114 22.92 35.49 22.41
#